data_1UU2
#
_entry.id   1UU2
#
_cell.length_a   54.646
_cell.length_b   98.560
_cell.length_c   124.585
_cell.angle_alpha   90.00
_cell.angle_beta   90.00
_cell.angle_gamma   90.00
#
_symmetry.space_group_name_H-M   'P 21 21 21'
#
loop_
_entity.id
_entity.type
_entity.pdbx_description
1 polymer 'HISTIDINOL-PHOSPHATE AMINOTRANSFERASE'
2 non-polymer "4'-DEOXY-4'-AMINOPYRIDOXAL-5'-PHOSPHATE"
3 non-polymer 1,2-ETHANEDIOL
4 water water
#
_entity_poly.entity_id   1
_entity_poly.type   'polypeptide(L)'
_entity_poly.pdbx_seq_one_letter_code
;MNPLDLIAKRAYPYETEKRDKTYLALNENPFPFPEDLVDEVFRRLNSDALRIYYDSPDEELIEKILSYLDTDFLSKNNVS
VGNGADEIIYVMMLMFDRSVFFPPTYSCYRIFAKAVGAKFLEVPLTKDLRIPEVNVGEGDVVFIPNPNNPTGHVFEREEI
ERILKTGAFVALDEAYYEFHGESYVDFLKKYENLAVIRTFSKAFSLAAQRVGYVVASEKFIDAYNRVRLPFNVSYVSQMF
AKVALDHREIFEERTKFIVEERERMKSALREMGYRITDSRGNFVFVFMEKEEKERLLEHLRTKNVAVRSFREGVRITIGK
REENDMILRELEVFK
;
_entity_poly.pdbx_strand_id   A,B
#
loop_
_chem_comp.id
_chem_comp.type
_chem_comp.name
_chem_comp.formula
EDO non-polymer 1,2-ETHANEDIOL 'C2 H6 O2'
PMP non-polymer 4'-DEOXY-4'-AMINOPYRIDOXAL-5'-PHOSPHATE 'C8 H13 N2 O5 P'
#
# COMPACT_ATOMS: atom_id res chain seq x y z
N TYR A 14 6.50 -8.82 -12.99
CA TYR A 14 7.94 -8.54 -13.24
C TYR A 14 8.15 -7.76 -14.54
N GLU A 15 8.65 -6.53 -14.40
CA GLU A 15 8.91 -5.65 -15.53
C GLU A 15 10.35 -5.18 -15.37
N THR A 16 10.76 -5.03 -14.11
CA THR A 16 12.09 -4.56 -13.75
C THR A 16 13.11 -5.71 -13.70
N GLU A 17 13.12 -6.53 -14.76
CA GLU A 17 14.04 -7.65 -14.84
C GLU A 17 15.33 -7.13 -15.45
N LYS A 18 15.31 -5.85 -15.78
CA LYS A 18 16.45 -5.17 -16.37
C LYS A 18 17.21 -4.47 -15.25
N ARG A 19 18.23 -5.14 -14.72
CA ARG A 19 19.07 -4.60 -13.65
C ARG A 19 20.50 -4.89 -14.03
N ASP A 20 21.09 -3.99 -14.80
CA ASP A 20 22.46 -4.15 -15.25
C ASP A 20 23.43 -3.27 -14.48
N LYS A 21 24.71 -3.63 -14.55
CA LYS A 21 25.76 -2.90 -13.87
C LYS A 21 25.59 -1.37 -13.87
N THR A 22 24.91 -0.85 -14.89
CA THR A 22 24.67 0.58 -14.97
C THR A 22 23.20 0.82 -15.31
N TYR A 23 22.37 0.99 -14.28
CA TYR A 23 20.94 1.19 -14.47
C TYR A 23 20.47 2.62 -14.24
N LEU A 24 20.09 3.29 -15.33
CA LEU A 24 19.61 4.68 -15.26
C LEU A 24 18.27 4.77 -15.96
N ALA A 25 17.38 3.82 -15.68
CA ALA A 25 16.08 3.78 -16.33
C ALA A 25 14.83 4.04 -15.50
N LEU A 26 14.97 4.19 -14.19
CA LEU A 26 13.79 4.43 -13.34
C LEU A 26 13.80 5.70 -12.50
N ASN A 27 14.60 6.68 -12.91
CA ASN A 27 14.69 7.95 -12.18
C ASN A 27 14.99 7.76 -10.69
N GLU A 28 15.67 6.68 -10.37
CA GLU A 28 16.02 6.37 -9.00
C GLU A 28 17.18 7.24 -8.52
N ASN A 29 17.30 7.41 -7.20
CA ASN A 29 18.39 8.24 -6.66
C ASN A 29 19.69 7.45 -6.77
N PRO A 30 20.79 8.13 -7.08
CA PRO A 30 22.11 7.52 -7.23
C PRO A 30 22.80 7.01 -5.96
N PHE A 31 22.34 7.44 -4.80
CA PHE A 31 22.97 6.99 -3.55
C PHE A 31 22.03 6.27 -2.61
N PRO A 32 22.56 5.33 -1.83
CA PRO A 32 21.75 4.56 -0.89
C PRO A 32 21.31 5.44 0.26
N PHE A 33 20.28 5.01 0.98
CA PHE A 33 19.78 5.79 2.09
C PHE A 33 20.91 5.97 3.10
N PRO A 34 21.10 7.18 3.63
CA PRO A 34 22.17 7.41 4.59
C PRO A 34 22.28 6.30 5.63
N GLU A 35 23.40 5.57 5.58
CA GLU A 35 23.68 4.46 6.47
C GLU A 35 23.26 4.75 7.91
N ASP A 36 23.88 5.77 8.50
CA ASP A 36 23.61 6.18 9.86
C ASP A 36 22.13 6.37 10.10
N LEU A 37 21.46 6.99 9.13
CA LEU A 37 20.03 7.25 9.26
C LEU A 37 19.20 5.96 9.29
N VAL A 38 19.78 4.87 8.79
CA VAL A 38 19.08 3.59 8.82
C VAL A 38 19.12 3.11 10.26
N ASP A 39 20.27 3.26 10.90
CA ASP A 39 20.42 2.85 12.27
C ASP A 39 19.65 3.75 13.23
N GLU A 40 19.05 4.80 12.71
CA GLU A 40 18.27 5.69 13.56
C GLU A 40 16.79 5.33 13.49
N VAL A 41 16.35 4.81 12.35
CA VAL A 41 14.95 4.43 12.22
C VAL A 41 14.74 3.21 13.10
N PHE A 42 15.78 2.38 13.21
CA PHE A 42 15.71 1.18 14.04
C PHE A 42 16.14 1.47 15.48
N ARG A 43 16.47 2.72 15.74
CA ARG A 43 16.91 3.13 17.06
C ARG A 43 15.68 3.57 17.84
N ARG A 44 14.75 4.23 17.15
CA ARG A 44 13.52 4.70 17.77
C ARG A 44 12.37 3.78 17.40
N LEU A 45 12.71 2.57 16.98
CA LEU A 45 11.71 1.59 16.59
C LEU A 45 11.17 0.81 17.79
N ASN A 46 9.99 1.22 18.26
CA ASN A 46 9.33 0.57 19.38
C ASN A 46 8.80 -0.78 18.91
N SER A 47 9.31 -1.86 19.47
CA SER A 47 8.88 -3.20 19.09
C SER A 47 7.41 -3.49 19.35
N ASP A 48 6.86 -2.88 20.39
CA ASP A 48 5.47 -3.09 20.75
C ASP A 48 4.49 -2.44 19.78
N ALA A 49 4.99 -1.60 18.89
CA ALA A 49 4.13 -0.94 17.91
C ALA A 49 3.82 -1.92 16.78
N LEU A 50 4.83 -2.67 16.37
CA LEU A 50 4.67 -3.64 15.29
C LEU A 50 3.43 -4.52 15.43
N ARG A 51 3.11 -4.91 16.66
CA ARG A 51 1.96 -5.78 16.92
C ARG A 51 0.63 -5.06 16.75
N ILE A 52 0.67 -3.74 16.63
CA ILE A 52 -0.56 -2.96 16.49
C ILE A 52 -0.73 -2.31 15.12
N TYR A 53 -1.96 -1.86 14.87
CA TYR A 53 -2.27 -1.19 13.62
C TYR A 53 -1.90 0.27 13.81
N TYR A 54 -0.68 0.60 13.42
CA TYR A 54 -0.17 1.97 13.55
C TYR A 54 -1.04 2.93 12.75
N ASP A 55 -1.26 4.12 13.29
CA ASP A 55 -2.08 5.13 12.61
C ASP A 55 -1.64 5.47 11.19
N SER A 56 -2.60 5.48 10.27
CA SER A 56 -2.35 5.78 8.87
C SER A 56 -1.34 6.92 8.81
N PRO A 57 -1.78 8.19 8.66
CA PRO A 57 -0.62 9.09 8.67
C PRO A 57 -0.22 9.28 10.14
N ASP A 58 1.06 9.52 10.39
CA ASP A 58 1.55 9.72 11.75
C ASP A 58 1.28 11.18 12.12
N GLU A 59 0.90 11.43 13.36
CA GLU A 59 0.64 12.80 13.80
C GLU A 59 1.92 13.62 13.66
N GLU A 60 3.03 12.95 13.93
CA GLU A 60 4.35 13.55 13.87
C GLU A 60 4.77 13.68 12.41
N LEU A 61 4.58 12.60 11.66
CA LEU A 61 4.94 12.60 10.25
C LEU A 61 4.31 13.79 9.53
N ILE A 62 2.99 13.88 9.63
CA ILE A 62 2.30 14.97 8.97
C ILE A 62 2.62 16.29 9.65
N GLU A 63 3.27 16.24 10.81
CA GLU A 63 3.66 17.46 11.51
C GLU A 63 4.91 17.91 10.79
N LYS A 64 5.81 16.95 10.54
CA LYS A 64 7.08 17.18 9.85
C LYS A 64 6.86 17.71 8.43
N ILE A 65 6.00 17.03 7.68
CA ILE A 65 5.69 17.42 6.31
C ILE A 65 5.39 18.91 6.25
N LEU A 66 4.46 19.38 7.09
CA LEU A 66 4.12 20.79 7.13
C LEU A 66 5.41 21.59 7.24
N SER A 67 6.22 21.23 8.23
CA SER A 67 7.49 21.87 8.45
C SER A 67 8.16 22.01 7.09
N TYR A 68 8.35 20.86 6.44
CA TYR A 68 8.96 20.77 5.12
C TYR A 68 8.26 21.66 4.12
N LEU A 69 6.95 21.48 3.97
CA LEU A 69 6.16 22.29 3.06
C LEU A 69 6.42 23.77 3.29
N ASP A 70 6.76 24.12 4.53
CA ASP A 70 7.05 25.50 4.91
C ASP A 70 6.04 26.51 4.39
N THR A 71 4.90 26.60 5.07
CA THR A 71 3.85 27.52 4.69
C THR A 71 3.17 28.05 5.93
N ASP A 72 2.15 28.88 5.74
CA ASP A 72 1.43 29.47 6.86
C ASP A 72 -0.03 29.05 6.89
N PHE A 73 -0.59 28.80 5.71
CA PHE A 73 -2.00 28.41 5.59
C PHE A 73 -2.28 26.91 5.73
N LEU A 74 -1.31 26.07 5.43
CA LEU A 74 -1.51 24.62 5.52
C LEU A 74 -1.53 24.10 6.95
N SER A 75 -2.43 23.16 7.21
CA SER A 75 -2.57 22.56 8.54
C SER A 75 -2.67 21.04 8.43
N LYS A 76 -2.54 20.38 9.58
CA LYS A 76 -2.60 18.92 9.65
C LYS A 76 -3.75 18.29 8.88
N ASN A 77 -4.70 19.11 8.43
CA ASN A 77 -5.87 18.62 7.70
C ASN A 77 -5.80 18.77 6.18
N ASN A 78 -4.82 19.53 5.69
CA ASN A 78 -4.66 19.73 4.26
C ASN A 78 -3.70 18.69 3.71
N VAL A 79 -3.17 17.85 4.60
CA VAL A 79 -2.20 16.83 4.20
C VAL A 79 -2.59 15.39 4.49
N SER A 80 -2.15 14.48 3.63
CA SER A 80 -2.41 13.06 3.80
C SER A 80 -1.32 12.25 3.12
N VAL A 81 -1.25 10.96 3.42
CA VAL A 81 -0.22 10.10 2.84
C VAL A 81 -0.79 8.94 2.03
N GLY A 82 0.09 8.25 1.31
CA GLY A 82 -0.32 7.12 0.51
C GLY A 82 0.85 6.16 0.36
N ASN A 83 0.57 4.92 -0.02
CA ASN A 83 1.63 3.93 -0.21
C ASN A 83 2.43 4.31 -1.43
N GLY A 84 3.15 5.42 -1.32
CA GLY A 84 3.94 5.90 -2.44
C GLY A 84 3.04 6.79 -3.28
N ALA A 85 3.63 7.69 -4.05
CA ALA A 85 2.87 8.59 -4.89
C ALA A 85 1.90 7.82 -5.80
N ASP A 86 2.27 6.59 -6.16
CA ASP A 86 1.42 5.79 -7.02
C ASP A 86 0.02 5.59 -6.45
N GLU A 87 -0.08 5.10 -5.22
CA GLU A 87 -1.39 4.88 -4.62
C GLU A 87 -2.22 6.15 -4.60
N ILE A 88 -1.57 7.31 -4.55
CA ILE A 88 -2.29 8.57 -4.54
C ILE A 88 -2.99 8.75 -5.88
N ILE A 89 -2.26 8.44 -6.96
CA ILE A 89 -2.76 8.53 -8.31
C ILE A 89 -3.88 7.49 -8.44
N TYR A 90 -3.55 6.27 -8.02
CA TYR A 90 -4.46 5.13 -8.05
C TYR A 90 -5.84 5.45 -7.49
N VAL A 91 -5.89 5.77 -6.20
CA VAL A 91 -7.16 6.09 -5.55
C VAL A 91 -7.84 7.29 -6.20
N MET A 92 -7.04 8.24 -6.66
CA MET A 92 -7.58 9.44 -7.28
C MET A 92 -8.44 9.13 -8.51
N MET A 93 -8.00 8.15 -9.30
CA MET A 93 -8.75 7.77 -10.49
C MET A 93 -10.03 7.05 -10.08
N LEU A 94 -10.15 6.73 -8.80
CA LEU A 94 -11.33 6.05 -8.28
C LEU A 94 -12.36 7.05 -7.79
N MET A 95 -11.91 8.27 -7.50
CA MET A 95 -12.78 9.31 -6.98
C MET A 95 -13.54 10.14 -8.01
N PHE A 96 -12.93 10.37 -9.16
CA PHE A 96 -13.56 11.18 -10.21
C PHE A 96 -14.12 10.36 -11.35
N ASP A 97 -15.02 10.98 -12.12
CA ASP A 97 -15.67 10.36 -13.25
C ASP A 97 -14.70 10.07 -14.40
N ARG A 98 -13.81 11.00 -14.65
CA ARG A 98 -12.87 10.83 -15.75
C ARG A 98 -11.51 11.47 -15.49
N SER A 99 -10.46 10.76 -15.84
CA SER A 99 -9.11 11.27 -15.69
C SER A 99 -8.58 11.72 -17.04
N VAL A 100 -7.86 12.83 -17.05
CA VAL A 100 -7.31 13.36 -18.29
C VAL A 100 -5.84 13.69 -18.17
N PHE A 101 -5.00 13.03 -18.96
CA PHE A 101 -3.57 13.31 -18.95
C PHE A 101 -3.07 13.54 -20.37
N PHE A 102 -1.90 14.17 -20.50
CA PHE A 102 -1.38 14.47 -21.82
C PHE A 102 0.00 13.92 -22.12
N PRO A 103 0.07 12.87 -22.93
CA PRO A 103 1.35 12.24 -23.30
C PRO A 103 2.16 13.15 -24.22
N PRO A 104 3.50 13.05 -24.16
CA PRO A 104 4.25 12.15 -23.28
C PRO A 104 4.12 12.50 -21.79
N THR A 105 3.68 11.53 -21.01
CA THR A 105 3.50 11.75 -19.58
C THR A 105 3.89 10.50 -18.81
N TYR A 106 3.62 10.49 -17.50
CA TYR A 106 3.95 9.34 -16.67
C TYR A 106 3.19 8.13 -17.19
N SER A 107 3.93 7.08 -17.56
CA SER A 107 3.33 5.86 -18.10
C SER A 107 2.30 5.16 -17.22
N CYS A 108 2.46 5.23 -15.90
CA CYS A 108 1.52 4.58 -15.00
C CYS A 108 0.13 5.23 -14.93
N TYR A 109 -0.04 6.38 -15.59
CA TYR A 109 -1.33 7.06 -15.59
C TYR A 109 -2.33 6.26 -16.41
N ARG A 110 -1.87 5.75 -17.55
CA ARG A 110 -2.69 4.97 -18.46
C ARG A 110 -2.86 3.54 -17.92
N ILE A 111 -1.80 3.03 -17.31
CA ILE A 111 -1.85 1.68 -16.76
C ILE A 111 -2.81 1.58 -15.60
N PHE A 112 -2.75 2.54 -14.67
CA PHE A 112 -3.63 2.53 -13.52
C PHE A 112 -5.07 2.86 -13.88
N ALA A 113 -5.24 3.76 -14.83
CA ALA A 113 -6.58 4.15 -15.27
C ALA A 113 -7.32 2.91 -15.76
N LYS A 114 -6.63 2.10 -16.57
CA LYS A 114 -7.22 0.88 -17.10
C LYS A 114 -7.47 -0.10 -15.96
N ALA A 115 -6.41 -0.39 -15.20
CA ALA A 115 -6.48 -1.31 -14.08
C ALA A 115 -7.68 -1.03 -13.18
N VAL A 116 -7.72 0.17 -12.64
CA VAL A 116 -8.83 0.60 -11.78
C VAL A 116 -10.16 0.51 -12.53
N GLY A 117 -10.11 0.77 -13.83
CA GLY A 117 -11.32 0.73 -14.63
C GLY A 117 -11.97 2.09 -14.84
N ALA A 118 -11.21 3.15 -14.58
CA ALA A 118 -11.71 4.51 -14.74
C ALA A 118 -11.70 4.99 -16.19
N LYS A 119 -12.58 5.94 -16.49
CA LYS A 119 -12.69 6.51 -17.82
C LYS A 119 -11.59 7.55 -18.01
N PHE A 120 -10.80 7.41 -19.07
CA PHE A 120 -9.74 8.36 -19.33
C PHE A 120 -9.75 8.91 -20.75
N LEU A 121 -8.94 9.94 -20.95
CA LEU A 121 -8.81 10.60 -22.23
C LEU A 121 -7.35 11.07 -22.33
N GLU A 122 -6.67 10.68 -23.39
CA GLU A 122 -5.28 11.09 -23.59
C GLU A 122 -5.22 12.14 -24.69
N VAL A 123 -4.74 13.34 -24.35
CA VAL A 123 -4.63 14.40 -25.34
C VAL A 123 -3.16 14.80 -25.46
N PRO A 124 -2.56 14.58 -26.63
CA PRO A 124 -1.16 14.90 -26.88
C PRO A 124 -0.81 16.35 -26.61
N LEU A 125 0.37 16.55 -26.03
CA LEU A 125 0.85 17.88 -25.73
C LEU A 125 1.25 18.53 -27.04
N THR A 126 1.28 19.85 -27.07
CA THR A 126 1.68 20.59 -28.26
C THR A 126 3.04 20.09 -28.71
N LYS A 127 3.49 20.53 -29.88
CA LYS A 127 4.80 20.14 -30.36
C LYS A 127 5.81 20.87 -29.47
N ASP A 128 5.32 21.92 -28.81
CA ASP A 128 6.11 22.74 -27.89
C ASP A 128 5.85 22.35 -26.44
N LEU A 129 5.44 21.10 -26.21
CA LEU A 129 5.18 20.61 -24.87
C LEU A 129 4.21 21.49 -24.06
N ARG A 130 3.21 22.04 -24.72
CA ARG A 130 2.23 22.87 -24.02
C ARG A 130 0.93 22.09 -23.86
N ILE A 131 0.18 22.42 -22.81
CA ILE A 131 -1.09 21.75 -22.56
C ILE A 131 -2.09 22.33 -23.54
N PRO A 132 -2.69 21.47 -24.38
CA PRO A 132 -3.67 21.94 -25.37
C PRO A 132 -4.98 22.27 -24.66
N GLU A 133 -5.88 22.96 -25.36
CA GLU A 133 -7.13 23.29 -24.73
C GLU A 133 -8.12 22.16 -24.92
N VAL A 134 -8.46 21.52 -23.80
CA VAL A 134 -9.40 20.41 -23.79
C VAL A 134 -10.56 20.85 -22.92
N ASN A 135 -11.79 20.70 -23.41
CA ASN A 135 -12.91 21.13 -22.59
C ASN A 135 -13.19 20.16 -21.46
N VAL A 136 -12.34 20.23 -20.44
CA VAL A 136 -12.47 19.41 -19.26
C VAL A 136 -13.24 20.30 -18.29
N GLY A 137 -13.84 19.70 -17.27
CA GLY A 137 -14.59 20.48 -16.31
C GLY A 137 -14.83 19.69 -15.05
N GLU A 138 -15.49 20.31 -14.09
CA GLU A 138 -15.80 19.65 -12.82
C GLU A 138 -16.19 18.19 -13.11
N GLY A 139 -15.78 17.29 -12.23
CA GLY A 139 -16.10 15.89 -12.44
C GLY A 139 -14.94 15.15 -13.06
N ASP A 140 -14.02 15.92 -13.64
CA ASP A 140 -12.84 15.36 -14.28
C ASP A 140 -11.62 15.68 -13.42
N VAL A 141 -10.64 14.78 -13.44
CA VAL A 141 -9.41 15.02 -12.71
C VAL A 141 -8.24 14.95 -13.69
N VAL A 142 -7.67 16.11 -13.99
CA VAL A 142 -6.56 16.20 -14.91
C VAL A 142 -5.26 16.00 -14.16
N PHE A 143 -4.46 15.04 -14.62
CA PHE A 143 -3.17 14.77 -14.00
C PHE A 143 -2.10 15.55 -14.74
N ILE A 144 -1.33 16.34 -14.01
CA ILE A 144 -0.28 17.14 -14.63
C ILE A 144 1.04 17.09 -13.90
N PRO A 145 1.86 16.06 -14.16
CA PRO A 145 3.14 15.98 -13.47
C PRO A 145 3.95 17.23 -13.86
N ASN A 146 4.61 17.85 -12.89
CA ASN A 146 5.38 19.06 -13.17
C ASN A 146 6.47 19.29 -12.12
N PRO A 147 7.76 19.16 -12.50
CA PRO A 147 8.28 18.81 -13.84
C PRO A 147 7.62 17.58 -14.44
N ASN A 148 7.46 17.61 -15.76
CA ASN A 148 6.82 16.51 -16.49
C ASN A 148 7.73 15.29 -16.66
N ASN A 149 7.11 14.16 -16.99
CA ASN A 149 7.84 12.93 -17.24
C ASN A 149 7.34 12.55 -18.61
N PRO A 150 8.24 12.15 -19.54
CA PRO A 150 9.68 12.04 -19.38
C PRO A 150 10.49 13.23 -19.92
N THR A 151 9.81 14.26 -20.41
CA THR A 151 10.51 15.43 -20.94
C THR A 151 11.18 16.21 -19.82
N GLY A 152 10.61 16.13 -18.63
CA GLY A 152 11.18 16.84 -17.50
C GLY A 152 10.96 18.33 -17.58
N HIS A 153 10.20 18.77 -18.57
CA HIS A 153 9.94 20.19 -18.72
C HIS A 153 8.93 20.69 -17.68
N VAL A 154 8.92 22.01 -17.47
CA VAL A 154 8.03 22.64 -16.50
C VAL A 154 6.91 23.42 -17.20
N PHE A 155 5.68 23.23 -16.75
CA PHE A 155 4.56 23.96 -17.33
C PHE A 155 4.52 25.32 -16.63
N GLU A 156 3.90 26.30 -17.30
CA GLU A 156 3.81 27.64 -16.75
C GLU A 156 2.59 27.86 -15.85
N ARG A 157 2.72 28.81 -14.91
CA ARG A 157 1.64 29.14 -13.97
C ARG A 157 0.32 29.20 -14.73
N GLU A 158 0.26 30.12 -15.68
CA GLU A 158 -0.91 30.36 -16.50
C GLU A 158 -1.45 29.11 -17.21
N GLU A 159 -0.56 28.17 -17.53
CA GLU A 159 -0.98 26.95 -18.22
C GLU A 159 -1.82 26.06 -17.31
N ILE A 160 -1.46 25.99 -16.04
CA ILE A 160 -2.20 25.19 -15.08
C ILE A 160 -3.43 25.95 -14.59
N GLU A 161 -3.22 27.20 -14.19
CA GLU A 161 -4.31 28.04 -13.68
C GLU A 161 -5.47 28.12 -14.67
N ARG A 162 -5.21 27.82 -15.93
CA ARG A 162 -6.23 27.85 -16.97
C ARG A 162 -7.20 26.70 -16.74
N ILE A 163 -6.67 25.48 -16.82
CA ILE A 163 -7.45 24.27 -16.59
C ILE A 163 -8.19 24.42 -15.27
N LEU A 164 -7.48 24.97 -14.30
CA LEU A 164 -8.00 25.17 -12.95
C LEU A 164 -9.27 26.00 -12.93
N LYS A 165 -9.39 26.96 -13.83
CA LYS A 165 -10.56 27.83 -13.88
C LYS A 165 -11.73 27.23 -14.64
N THR A 166 -11.55 26.03 -15.17
CA THR A 166 -12.62 25.35 -15.90
C THR A 166 -13.55 24.63 -14.94
N GLY A 167 -13.02 24.29 -13.77
CA GLY A 167 -13.78 23.58 -12.75
C GLY A 167 -13.14 22.23 -12.50
N ALA A 168 -12.45 21.74 -13.51
CA ALA A 168 -11.76 20.45 -13.45
C ALA A 168 -10.81 20.38 -12.25
N PHE A 169 -10.55 19.17 -11.76
CA PHE A 169 -9.65 19.02 -10.63
C PHE A 169 -8.25 18.75 -11.13
N VAL A 170 -7.28 19.49 -10.60
CA VAL A 170 -5.89 19.34 -11.01
C VAL A 170 -5.02 18.55 -10.02
N ALA A 171 -4.48 17.44 -10.51
CA ALA A 171 -3.60 16.60 -9.72
C ALA A 171 -2.18 16.93 -10.15
N LEU A 172 -1.64 18.00 -9.57
CA LEU A 172 -0.28 18.44 -9.88
C LEU A 172 0.72 17.50 -9.25
N ASP A 173 1.24 16.58 -10.05
CA ASP A 173 2.20 15.59 -9.59
C ASP A 173 3.60 16.17 -9.46
N GLU A 174 3.97 16.63 -8.27
CA GLU A 174 5.30 17.19 -8.06
C GLU A 174 6.27 16.13 -7.55
N ALA A 175 6.38 15.04 -8.30
CA ALA A 175 7.28 13.96 -7.94
C ALA A 175 8.74 14.36 -8.13
N TYR A 176 8.97 15.47 -8.81
CA TYR A 176 10.34 15.94 -9.05
C TYR A 176 10.60 17.35 -8.54
N TYR A 177 9.81 17.78 -7.56
CA TYR A 177 9.95 19.10 -6.98
C TYR A 177 11.35 19.40 -6.46
N GLU A 178 11.90 18.51 -5.64
CA GLU A 178 13.23 18.73 -5.08
C GLU A 178 14.31 19.12 -6.09
N PHE A 179 14.15 18.68 -7.33
CA PHE A 179 15.13 18.98 -8.39
C PHE A 179 14.77 20.22 -9.16
N HIS A 180 13.69 20.86 -8.74
CA HIS A 180 13.17 22.10 -9.32
C HIS A 180 12.81 23.02 -8.18
N GLY A 181 13.36 24.23 -8.16
CA GLY A 181 13.07 25.14 -7.07
C GLY A 181 11.61 25.34 -6.67
N GLU A 182 10.77 25.70 -7.64
CA GLU A 182 9.35 25.99 -7.43
C GLU A 182 8.38 24.82 -7.15
N SER A 183 7.15 25.22 -6.84
CA SER A 183 6.05 24.30 -6.56
C SER A 183 4.79 25.16 -6.51
N TYR A 184 3.68 24.65 -7.05
CA TYR A 184 2.44 25.42 -7.05
C TYR A 184 1.55 25.15 -5.84
N VAL A 185 2.18 24.87 -4.71
CA VAL A 185 1.48 24.59 -3.46
C VAL A 185 0.68 25.81 -3.01
N ASP A 186 1.27 26.99 -3.18
CA ASP A 186 0.60 28.24 -2.80
C ASP A 186 -0.44 28.62 -3.85
N PHE A 187 -1.28 27.66 -4.19
CA PHE A 187 -2.35 27.85 -5.16
C PHE A 187 -3.64 27.47 -4.45
N LEU A 188 -3.47 26.69 -3.38
CA LEU A 188 -4.59 26.25 -2.56
C LEU A 188 -5.21 27.44 -1.87
N LYS A 189 -4.49 28.56 -1.88
CA LYS A 189 -4.98 29.78 -1.25
C LYS A 189 -6.17 30.34 -2.00
N LYS A 190 -6.19 30.15 -3.32
CA LYS A 190 -7.28 30.64 -4.15
C LYS A 190 -8.18 29.49 -4.58
N TYR A 191 -7.54 28.40 -5.01
CA TYR A 191 -8.27 27.23 -5.51
C TYR A 191 -8.42 26.06 -4.55
N GLU A 192 -9.46 25.26 -4.77
CA GLU A 192 -9.72 24.09 -3.94
C GLU A 192 -9.76 22.85 -4.83
N ASN A 193 -9.97 23.08 -6.13
CA ASN A 193 -10.02 22.00 -7.10
C ASN A 193 -8.62 21.58 -7.54
N LEU A 194 -7.67 21.72 -6.61
CA LEU A 194 -6.27 21.37 -6.87
C LEU A 194 -5.70 20.56 -5.72
N ALA A 195 -4.75 19.69 -6.04
CA ALA A 195 -4.08 18.84 -5.06
C ALA A 195 -2.65 18.61 -5.53
N VAL A 196 -1.68 18.85 -4.66
CA VAL A 196 -0.27 18.65 -5.01
C VAL A 196 0.22 17.33 -4.44
N ILE A 197 0.89 16.55 -5.27
CA ILE A 197 1.38 15.24 -4.86
C ILE A 197 2.90 15.21 -4.80
N ARG A 198 3.43 14.64 -3.72
CA ARG A 198 4.88 14.54 -3.52
C ARG A 198 5.27 13.13 -3.14
N THR A 199 6.58 12.89 -3.09
CA THR A 199 7.11 11.57 -2.75
C THR A 199 8.46 11.65 -2.06
N PHE A 200 8.84 10.56 -1.42
CA PHE A 200 10.13 10.48 -0.73
C PHE A 200 11.05 9.56 -1.52
N SER A 201 10.49 8.94 -2.55
CA SER A 201 11.21 7.98 -3.37
C SER A 201 12.39 8.48 -4.21
N LYS A 202 12.27 9.68 -4.76
CA LYS A 202 13.32 10.22 -5.61
C LYS A 202 14.43 10.96 -4.89
N ALA A 203 14.05 11.97 -4.10
CA ALA A 203 15.03 12.78 -3.39
C ALA A 203 15.65 12.15 -2.15
N PHE A 204 14.90 11.29 -1.46
CA PHE A 204 15.39 10.68 -0.22
C PHE A 204 15.77 9.19 -0.33
N SER A 205 16.19 8.75 -1.51
CA SER A 205 16.58 7.35 -1.70
C SER A 205 15.67 6.46 -0.86
N LEU A 206 14.37 6.68 -0.93
CA LEU A 206 13.43 5.89 -0.14
C LEU A 206 12.34 5.25 -1.01
N ALA A 207 12.68 4.98 -2.26
CA ALA A 207 11.76 4.39 -3.22
C ALA A 207 11.32 2.97 -2.85
N ALA A 208 12.16 2.29 -2.08
CA ALA A 208 11.88 0.93 -1.66
C ALA A 208 10.91 0.88 -0.49
N GLN A 209 10.63 2.04 0.11
CA GLN A 209 9.74 2.09 1.26
C GLN A 209 8.37 2.70 0.96
N ARG A 210 8.12 2.97 -0.31
CA ARG A 210 6.85 3.51 -0.77
C ARG A 210 6.11 4.51 0.16
N VAL A 211 6.49 5.78 0.11
CA VAL A 211 5.83 6.79 0.94
C VAL A 211 5.64 8.10 0.18
N GLY A 212 4.39 8.57 0.12
CA GLY A 212 4.08 9.80 -0.58
C GLY A 212 3.01 10.59 0.15
N TYR A 213 2.81 11.84 -0.24
CA TYR A 213 1.82 12.67 0.45
C TYR A 213 1.05 13.66 -0.44
N VAL A 214 -0.20 13.90 -0.06
CA VAL A 214 -1.08 14.79 -0.80
C VAL A 214 -1.36 16.08 -0.05
N VAL A 215 -1.34 17.18 -0.79
CA VAL A 215 -1.60 18.50 -0.23
C VAL A 215 -2.81 19.07 -0.97
N ALA A 216 -3.91 19.28 -0.25
CA ALA A 216 -5.12 19.80 -0.87
C ALA A 216 -6.08 20.41 0.14
N SER A 217 -7.29 20.73 -0.32
CA SER A 217 -8.31 21.32 0.54
C SER A 217 -8.72 20.32 1.60
N GLU A 218 -9.08 20.83 2.78
CA GLU A 218 -9.50 19.98 3.87
C GLU A 218 -10.64 19.07 3.41
N LYS A 219 -11.47 19.61 2.51
CA LYS A 219 -12.60 18.87 1.97
C LYS A 219 -12.18 17.73 1.05
N PHE A 220 -11.04 17.89 0.39
CA PHE A 220 -10.53 16.85 -0.51
C PHE A 220 -9.87 15.75 0.30
N ILE A 221 -8.93 16.14 1.17
CA ILE A 221 -8.23 15.18 2.02
C ILE A 221 -9.29 14.35 2.73
N ASP A 222 -10.36 15.04 3.10
CA ASP A 222 -11.50 14.44 3.78
C ASP A 222 -11.96 13.24 2.95
N ALA A 223 -12.35 13.51 1.70
CA ALA A 223 -12.82 12.46 0.81
C ALA A 223 -11.77 11.37 0.61
N TYR A 224 -10.63 11.76 0.06
CA TYR A 224 -9.53 10.83 -0.18
C TYR A 224 -9.42 9.78 0.93
N ASN A 225 -9.15 10.22 2.14
CA ASN A 225 -9.02 9.31 3.27
C ASN A 225 -10.16 8.32 3.37
N ARG A 226 -11.32 8.69 2.83
CA ARG A 226 -12.48 7.82 2.86
C ARG A 226 -12.42 6.73 1.80
N VAL A 227 -11.48 6.86 0.87
CA VAL A 227 -11.34 5.90 -0.21
C VAL A 227 -10.08 5.05 -0.13
N ARG A 228 -9.03 5.59 0.47
CA ARG A 228 -7.77 4.84 0.57
C ARG A 228 -7.81 3.85 1.72
N LEU A 229 -7.04 2.77 1.58
CA LEU A 229 -6.96 1.77 2.63
C LEU A 229 -6.53 2.47 3.93
N PRO A 230 -7.19 2.14 5.06
CA PRO A 230 -6.87 2.76 6.34
C PRO A 230 -5.40 2.71 6.77
N PHE A 231 -4.77 1.55 6.68
CA PHE A 231 -3.37 1.39 7.07
C PHE A 231 -2.53 1.03 5.84
N ASN A 232 -2.23 2.05 5.03
CA ASN A 232 -1.47 1.86 3.81
C ASN A 232 0.05 2.07 3.91
N VAL A 233 0.47 2.88 4.88
CA VAL A 233 1.90 3.14 5.07
C VAL A 233 2.36 2.48 6.36
N SER A 234 3.29 1.54 6.24
CA SER A 234 3.81 0.83 7.40
C SER A 234 4.49 1.72 8.42
N TYR A 235 4.54 1.22 9.67
CA TYR A 235 5.16 1.92 10.78
C TYR A 235 6.59 2.31 10.42
N VAL A 236 7.40 1.32 10.08
CA VAL A 236 8.78 1.56 9.70
C VAL A 236 8.89 2.51 8.50
N SER A 237 7.96 2.41 7.57
CA SER A 237 7.98 3.29 6.39
C SER A 237 7.87 4.74 6.84
N GLN A 238 6.94 5.02 7.74
CA GLN A 238 6.77 6.38 8.22
C GLN A 238 8.02 6.78 8.99
N MET A 239 8.55 5.82 9.75
CA MET A 239 9.74 6.05 10.54
C MET A 239 10.87 6.55 9.63
N PHE A 240 11.08 5.87 8.51
CA PHE A 240 12.10 6.25 7.54
C PHE A 240 11.87 7.65 7.02
N ALA A 241 10.61 7.96 6.71
CA ALA A 241 10.26 9.28 6.20
C ALA A 241 10.47 10.35 7.25
N LYS A 242 10.22 10.00 8.50
CA LYS A 242 10.37 10.95 9.59
C LYS A 242 11.83 11.34 9.89
N VAL A 243 12.69 10.34 10.07
CA VAL A 243 14.09 10.62 10.34
C VAL A 243 14.74 11.28 9.14
N ALA A 244 14.30 10.88 7.95
CA ALA A 244 14.83 11.43 6.71
C ALA A 244 14.58 12.93 6.68
N LEU A 245 13.39 13.32 7.10
CA LEU A 245 13.00 14.71 7.12
C LEU A 245 13.76 15.49 8.19
N ASP A 246 14.03 14.83 9.31
CA ASP A 246 14.76 15.47 10.41
C ASP A 246 16.23 15.71 10.10
N HIS A 247 16.64 15.37 8.88
CA HIS A 247 18.04 15.56 8.47
C HIS A 247 18.07 15.96 7.01
N ARG A 248 16.95 16.46 6.50
CA ARG A 248 16.84 16.87 5.10
C ARG A 248 18.15 17.45 4.56
N GLU A 249 18.87 18.19 5.39
CA GLU A 249 20.12 18.80 4.99
C GLU A 249 20.95 17.89 4.10
N ILE A 250 21.31 16.72 4.61
CA ILE A 250 22.11 15.74 3.88
C ILE A 250 21.57 15.59 2.46
N PHE A 251 20.28 15.35 2.37
CA PHE A 251 19.63 15.16 1.08
C PHE A 251 19.66 16.41 0.23
N GLU A 252 19.45 17.58 0.84
CA GLU A 252 19.47 18.83 0.10
C GLU A 252 20.78 18.91 -0.69
N GLU A 253 21.81 18.29 -0.15
CA GLU A 253 23.12 18.27 -0.78
C GLU A 253 23.13 17.34 -1.98
N ARG A 254 22.58 16.14 -1.81
CA ARG A 254 22.52 15.17 -2.88
C ARG A 254 21.75 15.77 -4.05
N THR A 255 20.71 16.53 -3.73
CA THR A 255 19.88 17.16 -4.75
C THR A 255 20.66 18.24 -5.48
N LYS A 256 21.46 18.98 -4.72
CA LYS A 256 22.28 20.05 -5.26
C LYS A 256 23.21 19.41 -6.30
N PHE A 257 23.86 18.34 -5.88
CA PHE A 257 24.78 17.62 -6.74
C PHE A 257 24.08 17.18 -8.02
N ILE A 258 23.01 16.40 -7.88
CA ILE A 258 22.27 15.90 -9.03
C ILE A 258 21.86 16.97 -10.05
N VAL A 259 21.31 18.08 -9.60
CA VAL A 259 20.90 19.12 -10.55
C VAL A 259 22.13 19.71 -11.24
N GLU A 260 23.21 19.88 -10.48
CA GLU A 260 24.45 20.41 -11.03
C GLU A 260 25.00 19.38 -12.01
N GLU A 261 24.92 18.12 -11.61
CA GLU A 261 25.40 17.01 -12.43
C GLU A 261 24.53 16.90 -13.68
N ARG A 262 23.34 17.48 -13.62
CA ARG A 262 22.38 17.45 -14.72
C ARG A 262 22.70 18.58 -15.70
N GLU A 263 22.60 19.82 -15.23
CA GLU A 263 22.88 20.97 -16.07
C GLU A 263 24.21 20.78 -16.78
N ARG A 264 25.17 20.17 -16.08
CA ARG A 264 26.47 19.91 -16.66
C ARG A 264 26.29 18.95 -17.83
N MET A 265 25.51 17.91 -17.61
CA MET A 265 25.22 16.88 -18.61
C MET A 265 24.46 17.44 -19.82
N LYS A 266 23.57 18.40 -19.58
CA LYS A 266 22.81 19.02 -20.66
C LYS A 266 23.70 19.83 -21.58
N SER A 267 24.56 20.64 -20.99
CA SER A 267 25.49 21.48 -21.75
C SER A 267 26.42 20.66 -22.62
N ALA A 268 26.90 19.55 -22.06
CA ALA A 268 27.80 18.65 -22.78
C ALA A 268 27.07 18.06 -23.97
N LEU A 269 25.80 17.73 -23.76
CA LEU A 269 24.99 17.15 -24.81
C LEU A 269 24.64 18.16 -25.89
N ARG A 270 24.28 19.36 -25.48
CA ARG A 270 23.96 20.39 -26.45
C ARG A 270 25.16 20.57 -27.37
N GLU A 271 26.32 20.79 -26.76
CA GLU A 271 27.55 20.97 -27.52
C GLU A 271 27.72 19.84 -28.54
N MET A 272 27.54 18.60 -28.09
CA MET A 272 27.64 17.46 -28.98
C MET A 272 26.64 17.57 -30.14
N GLY A 273 25.79 18.60 -30.09
CA GLY A 273 24.83 18.81 -31.16
C GLY A 273 23.51 18.07 -31.01
N TYR A 274 23.23 17.59 -29.81
CA TYR A 274 22.00 16.86 -29.56
C TYR A 274 20.84 17.77 -29.24
N ARG A 275 19.63 17.28 -29.54
CA ARG A 275 18.42 18.03 -29.25
C ARG A 275 17.88 17.51 -27.93
N ILE A 276 17.96 18.32 -26.89
CA ILE A 276 17.48 17.91 -25.58
C ILE A 276 16.42 18.84 -25.06
N THR A 277 15.97 18.56 -23.84
CA THR A 277 14.94 19.34 -23.17
C THR A 277 15.52 20.09 -21.98
N ASP A 278 14.72 21.02 -21.45
CA ASP A 278 15.13 21.78 -20.28
C ASP A 278 14.59 20.99 -19.10
N SER A 279 15.09 19.76 -18.95
CA SER A 279 14.66 18.89 -17.86
C SER A 279 14.99 19.51 -16.52
N ARG A 280 14.02 19.51 -15.62
CA ARG A 280 14.21 20.08 -14.30
C ARG A 280 13.95 19.00 -13.26
N GLY A 281 14.26 17.76 -13.65
CA GLY A 281 14.10 16.62 -12.77
C GLY A 281 15.45 15.96 -12.61
N ASN A 282 15.49 14.74 -12.07
CA ASN A 282 16.75 14.05 -11.88
C ASN A 282 17.08 13.16 -13.09
N PHE A 283 16.88 13.70 -14.28
CA PHE A 283 17.14 12.96 -15.50
C PHE A 283 17.20 13.92 -16.68
N VAL A 284 17.67 13.43 -17.82
CA VAL A 284 17.74 14.23 -19.03
C VAL A 284 17.02 13.47 -20.12
N PHE A 285 16.34 14.20 -21.00
CA PHE A 285 15.64 13.54 -22.11
C PHE A 285 16.28 13.97 -23.41
N VAL A 286 16.64 13.00 -24.23
CA VAL A 286 17.29 13.29 -25.50
C VAL A 286 16.53 12.70 -26.68
N PHE A 287 15.97 13.57 -27.50
CA PHE A 287 15.21 13.15 -28.68
C PHE A 287 16.18 12.43 -29.63
N MET A 288 15.68 11.41 -30.32
CA MET A 288 16.47 10.66 -31.29
C MET A 288 15.52 10.07 -32.32
N GLU A 289 15.86 10.25 -33.61
CA GLU A 289 15.03 9.77 -34.69
C GLU A 289 15.13 8.26 -34.95
N LYS A 290 14.40 7.50 -34.14
CA LYS A 290 14.29 6.06 -34.21
C LYS A 290 15.46 5.25 -34.76
N GLU A 291 15.51 5.09 -36.08
CA GLU A 291 16.56 4.31 -36.71
C GLU A 291 18.00 4.63 -36.32
N GLU A 292 18.20 5.68 -35.52
CA GLU A 292 19.54 6.05 -35.07
C GLU A 292 19.52 5.85 -33.57
N LYS A 293 18.32 6.02 -33.02
CA LYS A 293 18.07 5.86 -31.60
C LYS A 293 18.34 4.42 -31.19
N GLU A 294 17.83 3.48 -31.97
CA GLU A 294 18.01 2.06 -31.68
C GLU A 294 19.49 1.66 -31.64
N ARG A 295 20.27 2.17 -32.58
CA ARG A 295 21.70 1.84 -32.59
C ARG A 295 22.24 2.17 -31.22
N LEU A 296 21.85 3.32 -30.70
CA LEU A 296 22.29 3.80 -29.39
C LEU A 296 21.89 2.82 -28.29
N LEU A 297 20.67 2.33 -28.37
CA LEU A 297 20.20 1.38 -27.37
C LEU A 297 21.04 0.11 -27.40
N GLU A 298 21.09 -0.57 -28.55
CA GLU A 298 21.87 -1.80 -28.63
C GLU A 298 23.34 -1.54 -28.33
N HIS A 299 23.78 -0.31 -28.54
CA HIS A 299 25.17 0.04 -28.24
C HIS A 299 25.36 0.13 -26.73
N LEU A 300 24.35 0.64 -26.04
CA LEU A 300 24.39 0.77 -24.59
C LEU A 300 24.16 -0.61 -23.96
N ARG A 301 23.17 -1.33 -24.47
CA ARG A 301 22.87 -2.67 -23.99
C ARG A 301 24.11 -3.54 -24.25
N THR A 302 24.99 -3.02 -25.09
CA THR A 302 26.24 -3.69 -25.45
C THR A 302 27.24 -3.43 -24.33
N LYS A 303 27.21 -2.21 -23.81
CA LYS A 303 28.12 -1.80 -22.74
C LYS A 303 27.51 -1.93 -21.36
N ASN A 304 26.49 -2.78 -21.23
CA ASN A 304 25.85 -3.01 -19.95
C ASN A 304 25.31 -1.72 -19.34
N VAL A 305 24.51 -1.01 -20.12
CA VAL A 305 23.90 0.23 -19.66
C VAL A 305 22.41 0.22 -19.98
N ALA A 306 21.60 0.62 -19.01
CA ALA A 306 20.16 0.65 -19.21
C ALA A 306 19.59 2.05 -19.02
N VAL A 307 18.78 2.47 -19.99
CA VAL A 307 18.14 3.77 -19.97
C VAL A 307 16.71 3.58 -20.50
N ARG A 308 15.74 4.19 -19.85
CA ARG A 308 14.35 4.06 -20.28
C ARG A 308 14.14 4.58 -21.69
N SER A 309 13.54 3.76 -22.54
CA SER A 309 13.27 4.14 -23.92
C SER A 309 11.85 4.64 -24.11
N PHE A 310 11.72 5.79 -24.78
CA PHE A 310 10.41 6.38 -25.04
C PHE A 310 10.18 6.56 -26.54
N ARG A 311 9.04 7.11 -26.91
CA ARG A 311 8.71 7.31 -28.33
C ARG A 311 9.63 8.30 -29.05
N GLU A 312 9.71 9.52 -28.53
CA GLU A 312 10.52 10.56 -29.13
C GLU A 312 12.01 10.49 -28.81
N GLY A 313 12.39 9.56 -27.96
CA GLY A 313 13.81 9.43 -27.61
C GLY A 313 14.08 8.57 -26.40
N VAL A 314 15.06 8.98 -25.59
CA VAL A 314 15.43 8.25 -24.39
C VAL A 314 15.48 9.14 -23.17
N ARG A 315 15.17 8.56 -22.01
CA ARG A 315 15.22 9.30 -20.76
C ARG A 315 16.41 8.70 -20.04
N ILE A 316 17.36 9.54 -19.66
CA ILE A 316 18.55 9.07 -18.95
C ILE A 316 18.52 9.57 -17.52
N THR A 317 18.45 8.64 -16.57
CA THR A 317 18.43 9.03 -15.15
C THR A 317 19.83 9.47 -14.74
N ILE A 318 19.92 10.45 -13.85
CA ILE A 318 21.20 10.94 -13.38
C ILE A 318 21.74 10.04 -12.27
N GLY A 319 22.88 9.39 -12.54
CA GLY A 319 23.49 8.52 -11.56
C GLY A 319 24.72 9.10 -10.90
N LYS A 320 25.64 8.23 -10.50
CA LYS A 320 26.87 8.68 -9.87
C LYS A 320 27.79 9.35 -10.88
N ARG A 321 28.49 10.38 -10.42
CA ARG A 321 29.43 11.14 -11.25
C ARG A 321 30.07 10.29 -12.34
N GLU A 322 30.72 9.20 -11.96
CA GLU A 322 31.38 8.32 -12.92
C GLU A 322 30.45 7.71 -13.95
N GLU A 323 29.19 7.51 -13.58
CA GLU A 323 28.22 6.94 -14.50
C GLU A 323 27.81 7.96 -15.54
N ASN A 324 27.53 9.18 -15.09
CA ASN A 324 27.15 10.25 -15.99
C ASN A 324 28.26 10.45 -17.01
N ASP A 325 29.49 10.60 -16.52
CA ASP A 325 30.64 10.78 -17.39
C ASP A 325 30.66 9.71 -18.46
N MET A 326 30.28 8.50 -18.08
CA MET A 326 30.26 7.40 -19.04
C MET A 326 29.24 7.70 -20.13
N ILE A 327 28.03 8.03 -19.72
CA ILE A 327 26.96 8.34 -20.65
C ILE A 327 27.42 9.37 -21.67
N LEU A 328 28.03 10.44 -21.19
CA LEU A 328 28.51 11.50 -22.05
C LEU A 328 29.53 10.96 -23.05
N ARG A 329 30.33 10.02 -22.61
CA ARG A 329 31.34 9.42 -23.48
C ARG A 329 30.70 8.64 -24.62
N GLU A 330 29.67 7.87 -24.29
CA GLU A 330 28.99 7.06 -25.30
C GLU A 330 28.23 7.90 -26.33
N LEU A 331 27.34 8.76 -25.85
CA LEU A 331 26.57 9.62 -26.74
C LEU A 331 27.45 10.49 -27.62
N GLU A 332 28.74 10.52 -27.32
CA GLU A 332 29.66 11.32 -28.11
C GLU A 332 30.03 10.55 -29.37
N VAL A 333 30.24 9.25 -29.24
CA VAL A 333 30.61 8.42 -30.38
C VAL A 333 29.40 8.17 -31.30
N PHE A 334 28.51 9.15 -31.37
CA PHE A 334 27.32 9.06 -32.22
C PHE A 334 27.05 10.41 -32.85
N LYS A 335 26.97 11.43 -32.12
N GLU B 17 -8.16 8.25 17.81
CA GLU B 17 -7.71 8.41 19.23
C GLU B 17 -8.09 7.37 20.30
N LYS B 18 -7.27 7.44 21.34
CA LYS B 18 -7.36 6.68 22.59
C LYS B 18 -7.05 5.17 22.70
N ARG B 19 -5.91 4.96 23.34
CA ARG B 19 -5.40 3.64 23.62
C ARG B 19 -4.77 3.68 25.04
N ASP B 20 -5.57 3.58 26.10
CA ASP B 20 -4.81 3.53 27.33
C ASP B 20 -4.69 2.10 27.82
N LYS B 21 -3.53 1.65 27.39
CA LYS B 21 -3.02 0.33 27.57
C LYS B 21 -3.78 -0.71 28.43
N THR B 22 -4.64 -1.32 27.62
CA THR B 22 -5.56 -2.41 27.88
C THR B 22 -6.53 -2.09 26.76
N TYR B 23 -6.22 -2.68 25.60
CA TYR B 23 -7.02 -2.48 24.41
C TYR B 23 -7.19 -3.86 23.77
N LEU B 24 -8.43 -4.31 23.65
CA LEU B 24 -8.71 -5.63 23.08
C LEU B 24 -9.82 -5.47 22.04
N ALA B 25 -9.61 -4.57 21.09
CA ALA B 25 -10.65 -4.31 20.07
C ALA B 25 -10.24 -4.39 18.61
N LEU B 26 -9.09 -5.00 18.31
CA LEU B 26 -8.65 -5.12 16.93
C LEU B 26 -8.00 -6.44 16.58
N ASN B 27 -8.14 -7.42 17.46
CA ASN B 27 -7.58 -8.74 17.23
C ASN B 27 -6.06 -8.72 17.06
N GLU B 28 -5.44 -7.71 17.67
CA GLU B 28 -3.99 -7.53 17.61
C GLU B 28 -3.35 -8.55 18.56
N ASN B 29 -2.22 -9.13 18.16
CA ASN B 29 -1.53 -10.09 19.01
C ASN B 29 -1.04 -9.36 20.25
N PRO B 30 -1.17 -9.98 21.43
CA PRO B 30 -0.73 -9.34 22.67
C PRO B 30 0.78 -9.15 22.76
N PHE B 31 1.52 -10.11 22.21
CA PHE B 31 2.98 -10.06 22.23
C PHE B 31 3.58 -9.19 21.14
N PRO B 32 4.59 -8.38 21.50
CA PRO B 32 5.27 -7.48 20.55
C PRO B 32 6.20 -8.31 19.68
N PHE B 33 6.63 -7.76 18.55
CA PHE B 33 7.51 -8.52 17.69
C PHE B 33 8.80 -8.75 18.45
N PRO B 34 9.25 -10.02 18.50
CA PRO B 34 10.48 -10.38 19.21
C PRO B 34 11.65 -9.47 18.85
N GLU B 35 12.23 -8.85 19.88
CA GLU B 35 13.36 -7.95 19.73
C GLU B 35 14.50 -8.60 18.97
N ASP B 36 14.69 -9.88 19.20
CA ASP B 36 15.76 -10.62 18.55
C ASP B 36 15.67 -10.49 17.04
N LEU B 37 14.52 -10.84 16.48
CA LEU B 37 14.30 -10.79 15.05
C LEU B 37 14.35 -9.35 14.53
N VAL B 38 13.99 -8.39 15.37
CA VAL B 38 14.02 -6.99 14.95
C VAL B 38 15.46 -6.67 14.57
N ASP B 39 16.40 -7.23 15.34
CA ASP B 39 17.82 -7.00 15.07
C ASP B 39 18.29 -7.82 13.87
N GLU B 40 17.61 -8.93 13.58
CA GLU B 40 18.01 -9.76 12.45
C GLU B 40 17.49 -9.21 11.12
N VAL B 41 16.51 -8.30 11.19
CA VAL B 41 15.94 -7.70 9.98
C VAL B 41 16.93 -6.83 9.21
N PHE B 42 17.52 -5.83 9.87
CA PHE B 42 18.47 -4.98 9.15
C PHE B 42 19.88 -5.52 9.17
N ARG B 43 20.13 -6.57 9.94
CA ARG B 43 21.44 -7.18 9.95
C ARG B 43 21.39 -7.96 8.64
N ARG B 44 20.26 -7.78 7.94
CA ARG B 44 19.99 -8.41 6.65
C ARG B 44 19.55 -7.41 5.58
N LEU B 45 19.27 -6.17 5.97
CA LEU B 45 18.83 -5.16 5.00
C LEU B 45 19.96 -4.27 4.49
N ASN B 46 20.04 -4.13 3.16
CA ASN B 46 21.06 -3.31 2.52
C ASN B 46 20.59 -1.88 2.35
N SER B 47 21.39 -0.94 2.87
CA SER B 47 21.06 0.48 2.77
C SER B 47 21.08 0.96 1.33
N ASP B 48 21.56 0.11 0.43
CA ASP B 48 21.66 0.46 -0.99
C ASP B 48 20.40 0.02 -1.73
N ALA B 49 19.62 -0.87 -1.12
CA ALA B 49 18.41 -1.35 -1.77
C ALA B 49 17.28 -0.35 -1.55
N LEU B 50 17.30 0.32 -0.41
CA LEU B 50 16.26 1.29 -0.07
C LEU B 50 15.97 2.33 -1.15
N ARG B 51 16.94 2.59 -2.01
CA ARG B 51 16.78 3.61 -3.05
C ARG B 51 16.13 3.15 -4.35
N ILE B 52 16.20 1.85 -4.65
CA ILE B 52 15.61 1.36 -5.90
C ILE B 52 14.20 0.85 -5.69
N TYR B 53 13.53 0.51 -6.79
CA TYR B 53 12.17 -0.01 -6.72
C TYR B 53 12.26 -1.51 -6.51
N TYR B 54 12.18 -1.91 -5.25
CA TYR B 54 12.29 -3.30 -4.85
C TYR B 54 11.14 -4.19 -5.32
N ASP B 55 11.50 -5.32 -5.93
CA ASP B 55 10.52 -6.28 -6.43
C ASP B 55 9.43 -6.50 -5.40
N SER B 56 8.18 -6.29 -5.80
CA SER B 56 7.06 -6.48 -4.87
C SER B 56 7.17 -7.88 -4.26
N PRO B 57 6.46 -8.89 -4.80
CA PRO B 57 6.71 -10.14 -4.08
C PRO B 57 8.17 -10.50 -4.30
N ASP B 58 8.92 -10.61 -3.23
CA ASP B 58 10.34 -10.96 -3.33
C ASP B 58 10.42 -12.44 -3.71
N GLU B 59 11.28 -12.76 -4.66
CA GLU B 59 11.42 -14.13 -5.10
C GLU B 59 11.69 -15.08 -3.93
N GLU B 60 12.45 -14.60 -2.95
CA GLU B 60 12.77 -15.40 -1.77
C GLU B 60 11.53 -15.52 -0.91
N LEU B 61 10.91 -14.38 -0.63
CA LEU B 61 9.70 -14.30 0.18
C LEU B 61 8.66 -15.33 -0.22
N ILE B 62 8.38 -15.42 -1.52
CA ILE B 62 7.40 -16.37 -2.03
C ILE B 62 7.82 -17.79 -1.66
N GLU B 63 9.07 -18.12 -1.94
CA GLU B 63 9.59 -19.45 -1.64
C GLU B 63 9.33 -19.84 -0.19
N LYS B 64 9.66 -18.95 0.74
CA LYS B 64 9.44 -19.20 2.15
C LYS B 64 7.95 -19.31 2.43
N ILE B 65 7.14 -18.62 1.63
CA ILE B 65 5.70 -18.68 1.80
C ILE B 65 5.26 -20.09 1.43
N LEU B 66 5.77 -20.59 0.32
CA LEU B 66 5.44 -21.92 -0.16
C LEU B 66 5.71 -22.98 0.91
N SER B 67 6.83 -22.85 1.60
CA SER B 67 7.18 -23.80 2.65
C SER B 67 6.16 -23.70 3.78
N TYR B 68 5.82 -22.47 4.16
CA TYR B 68 4.85 -22.21 5.24
C TYR B 68 3.52 -22.91 4.98
N LEU B 69 3.03 -22.81 3.74
CA LEU B 69 1.78 -23.44 3.35
C LEU B 69 1.99 -24.95 3.36
N ASP B 70 3.25 -25.34 3.23
CA ASP B 70 3.66 -26.74 3.23
C ASP B 70 2.70 -27.64 2.45
N THR B 71 2.69 -27.49 1.13
CA THR B 71 1.84 -28.30 0.28
C THR B 71 2.75 -29.01 -0.70
N ASP B 72 2.18 -29.87 -1.53
CA ASP B 72 2.97 -30.60 -2.50
C ASP B 72 2.62 -30.27 -3.95
N PHE B 73 1.86 -29.18 -4.16
CA PHE B 73 1.49 -28.83 -5.54
C PHE B 73 1.67 -27.36 -5.99
N LEU B 74 1.28 -26.41 -5.16
CA LEU B 74 1.45 -25.02 -5.56
C LEU B 74 2.93 -24.69 -5.76
N SER B 75 3.20 -23.65 -6.55
CA SER B 75 4.55 -23.20 -6.85
C SER B 75 4.61 -21.70 -6.72
N LYS B 76 5.64 -21.10 -7.31
CA LYS B 76 5.84 -19.65 -7.25
C LYS B 76 4.63 -18.89 -7.80
N ASN B 77 4.21 -19.29 -8.99
CA ASN B 77 3.11 -18.66 -9.71
C ASN B 77 1.69 -18.78 -9.14
N ASN B 78 1.52 -19.37 -7.96
CA ASN B 78 0.19 -19.50 -7.38
C ASN B 78 0.04 -18.60 -6.18
N VAL B 79 1.10 -17.85 -5.88
CA VAL B 79 1.12 -16.96 -4.74
C VAL B 79 1.54 -15.54 -5.07
N SER B 80 0.89 -14.56 -4.46
CA SER B 80 1.22 -13.16 -4.68
C SER B 80 1.14 -12.47 -3.32
N VAL B 81 1.29 -11.14 -3.31
CA VAL B 81 1.26 -10.43 -2.05
C VAL B 81 0.52 -9.09 -2.11
N GLY B 82 0.15 -8.56 -0.95
CA GLY B 82 -0.56 -7.30 -0.90
C GLY B 82 -0.26 -6.46 0.33
N ASN B 83 -0.37 -5.14 0.18
CA ASN B 83 -0.14 -4.21 1.26
C ASN B 83 -1.16 -4.49 2.35
N GLY B 84 -0.86 -5.50 3.16
CA GLY B 84 -1.77 -5.91 4.21
C GLY B 84 -2.80 -6.82 3.58
N ALA B 85 -3.56 -7.54 4.39
CA ALA B 85 -4.57 -8.43 3.83
C ALA B 85 -5.65 -7.56 3.21
N ASP B 86 -5.74 -6.32 3.69
CA ASP B 86 -6.73 -5.35 3.21
C ASP B 86 -6.64 -5.07 1.71
N GLU B 87 -5.42 -4.91 1.19
CA GLU B 87 -5.26 -4.61 -0.23
C GLU B 87 -5.82 -5.72 -1.12
N ILE B 88 -5.57 -6.99 -0.76
CA ILE B 88 -6.08 -8.09 -1.57
C ILE B 88 -7.59 -7.90 -1.73
N ILE B 89 -8.27 -7.69 -0.60
CA ILE B 89 -9.71 -7.48 -0.61
C ILE B 89 -10.01 -6.32 -1.56
N TYR B 90 -9.53 -5.14 -1.18
CA TYR B 90 -9.71 -3.91 -1.93
C TYR B 90 -9.60 -4.09 -3.45
N VAL B 91 -8.53 -4.73 -3.92
CA VAL B 91 -8.33 -4.95 -5.34
C VAL B 91 -9.29 -5.97 -5.95
N MET B 92 -9.51 -7.09 -5.26
CA MET B 92 -10.41 -8.10 -5.79
C MET B 92 -11.74 -7.48 -6.16
N MET B 93 -12.32 -6.72 -5.24
CA MET B 93 -13.60 -6.09 -5.48
C MET B 93 -13.60 -5.22 -6.74
N LEU B 94 -12.41 -4.82 -7.18
CA LEU B 94 -12.28 -4.00 -8.37
C LEU B 94 -12.34 -4.87 -9.62
N MET B 95 -11.96 -6.13 -9.46
CA MET B 95 -11.93 -7.07 -10.59
C MET B 95 -13.04 -8.11 -10.68
N PHE B 96 -14.21 -7.76 -10.17
CA PHE B 96 -15.38 -8.65 -10.21
C PHE B 96 -16.63 -7.81 -10.31
N ASP B 97 -17.59 -8.25 -11.11
CA ASP B 97 -18.82 -7.50 -11.31
C ASP B 97 -19.51 -7.18 -9.98
N ARG B 98 -19.56 -8.16 -9.08
CA ARG B 98 -20.22 -7.94 -7.81
C ARG B 98 -19.59 -8.68 -6.64
N SER B 99 -19.50 -8.00 -5.51
CA SER B 99 -18.94 -8.58 -4.30
C SER B 99 -20.08 -8.87 -3.33
N VAL B 100 -20.11 -10.10 -2.83
CA VAL B 100 -21.14 -10.51 -1.91
C VAL B 100 -20.53 -11.13 -0.65
N PHE B 101 -20.93 -10.58 0.50
CA PHE B 101 -20.47 -11.09 1.79
C PHE B 101 -21.69 -11.32 2.66
N PHE B 102 -21.48 -11.97 3.81
CA PHE B 102 -22.59 -12.29 4.69
C PHE B 102 -22.46 -11.79 6.12
N PRO B 103 -23.12 -10.67 6.44
CA PRO B 103 -23.01 -10.18 7.82
C PRO B 103 -23.60 -11.19 8.79
N PRO B 104 -23.06 -11.23 10.03
CA PRO B 104 -21.97 -10.36 10.47
C PRO B 104 -20.59 -10.82 9.98
N THR B 105 -19.91 -9.94 9.26
CA THR B 105 -18.59 -10.25 8.74
C THR B 105 -17.61 -9.12 9.05
N TYR B 106 -16.57 -9.01 8.23
CA TYR B 106 -15.55 -7.99 8.37
C TYR B 106 -16.16 -6.64 7.98
N SER B 107 -16.25 -5.73 8.94
CA SER B 107 -16.83 -4.41 8.71
C SER B 107 -16.23 -3.64 7.53
N CYS B 108 -15.00 -3.99 7.15
CA CYS B 108 -14.35 -3.32 6.03
C CYS B 108 -14.87 -3.78 4.67
N TYR B 109 -15.32 -5.03 4.58
CA TYR B 109 -15.84 -5.54 3.32
C TYR B 109 -16.81 -4.50 2.76
N ARG B 110 -17.66 -4.00 3.64
CA ARG B 110 -18.64 -3.00 3.27
C ARG B 110 -17.99 -1.65 2.96
N ILE B 111 -17.10 -1.20 3.84
CA ILE B 111 -16.41 0.08 3.64
C ILE B 111 -15.62 0.11 2.34
N PHE B 112 -14.88 -0.96 2.07
CA PHE B 112 -14.06 -1.04 0.86
C PHE B 112 -14.87 -1.03 -0.42
N ALA B 113 -15.88 -1.90 -0.52
CA ALA B 113 -16.69 -1.97 -1.72
C ALA B 113 -17.38 -0.65 -2.00
N LYS B 114 -17.60 0.13 -0.96
CA LYS B 114 -18.26 1.41 -1.09
C LYS B 114 -17.30 2.50 -1.56
N ALA B 115 -16.02 2.33 -1.27
CA ALA B 115 -15.01 3.29 -1.68
C ALA B 115 -14.59 2.99 -3.11
N VAL B 116 -14.63 1.72 -3.47
CA VAL B 116 -14.23 1.30 -4.80
C VAL B 116 -15.32 1.56 -5.83
N GLY B 117 -16.55 1.78 -5.35
CA GLY B 117 -17.67 2.02 -6.24
C GLY B 117 -18.10 0.69 -6.82
N ALA B 118 -17.83 -0.37 -6.07
CA ALA B 118 -18.18 -1.72 -6.49
C ALA B 118 -19.62 -2.07 -6.12
N LYS B 119 -20.14 -3.10 -6.77
CA LYS B 119 -21.49 -3.55 -6.51
C LYS B 119 -21.41 -4.64 -5.46
N PHE B 120 -22.17 -4.47 -4.38
CA PHE B 120 -22.16 -5.46 -3.30
C PHE B 120 -23.57 -5.80 -2.84
N LEU B 121 -23.67 -6.91 -2.12
CA LEU B 121 -24.94 -7.37 -1.58
C LEU B 121 -24.71 -8.07 -0.24
N GLU B 122 -25.28 -7.50 0.83
CA GLU B 122 -25.16 -8.07 2.16
C GLU B 122 -26.36 -8.98 2.43
N VAL B 123 -26.10 -10.26 2.72
CA VAL B 123 -27.15 -11.22 3.02
C VAL B 123 -26.91 -11.77 4.41
N PRO B 124 -27.79 -11.46 5.36
CA PRO B 124 -27.66 -11.93 6.75
C PRO B 124 -27.47 -13.43 6.85
N LEU B 125 -26.52 -13.84 7.70
CA LEU B 125 -26.26 -15.26 7.92
C LEU B 125 -27.47 -15.86 8.63
N THR B 126 -27.64 -17.16 8.51
CA THR B 126 -28.77 -17.82 9.15
C THR B 126 -28.63 -17.64 10.66
N LYS B 127 -29.74 -17.74 11.38
CA LYS B 127 -29.72 -17.60 12.83
C LYS B 127 -28.67 -18.52 13.44
N ASP B 128 -28.36 -19.60 12.73
CA ASP B 128 -27.38 -20.58 13.21
C ASP B 128 -25.98 -20.27 12.71
N LEU B 129 -25.80 -19.07 12.17
CA LEU B 129 -24.50 -18.65 11.67
C LEU B 129 -24.04 -19.54 10.52
N ARG B 130 -25.00 -19.96 9.69
CA ARG B 130 -24.74 -20.80 8.53
C ARG B 130 -24.81 -19.87 7.32
N ILE B 131 -24.24 -20.30 6.20
CA ILE B 131 -24.24 -19.50 4.98
C ILE B 131 -25.66 -19.45 4.41
N PRO B 132 -26.15 -18.23 4.10
CA PRO B 132 -27.48 -18.05 3.54
C PRO B 132 -27.63 -18.69 2.18
N GLU B 133 -28.75 -18.40 1.53
CA GLU B 133 -29.04 -18.90 0.21
C GLU B 133 -29.54 -17.75 -0.61
N VAL B 134 -28.98 -17.63 -1.80
CA VAL B 134 -29.36 -16.57 -2.72
C VAL B 134 -28.77 -16.88 -4.08
N ASN B 135 -28.60 -15.84 -4.88
CA ASN B 135 -28.04 -16.01 -6.21
C ASN B 135 -26.70 -16.72 -6.17
N VAL B 136 -26.13 -16.86 -7.35
CA VAL B 136 -24.85 -17.52 -7.52
C VAL B 136 -24.29 -16.78 -8.70
N GLY B 137 -23.43 -17.42 -9.47
CA GLY B 137 -22.93 -16.74 -10.64
C GLY B 137 -21.47 -16.38 -10.78
N GLU B 138 -20.96 -16.73 -11.96
CA GLU B 138 -19.60 -16.44 -12.36
C GLU B 138 -19.70 -14.93 -12.57
N GLY B 139 -18.66 -14.18 -12.24
CA GLY B 139 -18.70 -12.74 -12.40
C GLY B 139 -18.86 -12.09 -11.05
N ASP B 140 -19.22 -12.91 -10.05
CA ASP B 140 -19.39 -12.45 -8.67
C ASP B 140 -18.26 -13.01 -7.81
N VAL B 141 -17.91 -12.28 -6.76
CA VAL B 141 -16.89 -12.71 -5.81
C VAL B 141 -17.52 -12.61 -4.43
N VAL B 142 -17.62 -13.74 -3.74
CA VAL B 142 -18.20 -13.76 -2.41
C VAL B 142 -17.13 -14.02 -1.35
N PHE B 143 -17.10 -13.15 -0.35
CA PHE B 143 -16.11 -13.22 0.72
C PHE B 143 -16.59 -14.05 1.91
N ILE B 144 -15.84 -15.09 2.23
CA ILE B 144 -16.17 -15.97 3.36
C ILE B 144 -15.02 -16.03 4.35
N PRO B 145 -15.01 -15.11 5.33
CA PRO B 145 -13.96 -15.07 6.35
C PRO B 145 -14.11 -16.33 7.20
N ASN B 146 -13.09 -17.19 7.17
CA ASN B 146 -13.13 -18.45 7.91
C ASN B 146 -11.82 -18.75 8.63
N PRO B 147 -11.87 -18.76 9.97
CA PRO B 147 -13.05 -18.50 10.81
C PRO B 147 -13.62 -17.10 10.60
N ASN B 148 -14.92 -16.97 10.80
CA ASN B 148 -15.62 -15.71 10.59
C ASN B 148 -15.25 -14.64 11.62
N ASN B 149 -15.47 -13.39 11.26
CA ASN B 149 -15.21 -12.27 12.14
C ASN B 149 -16.52 -11.52 12.04
N PRO B 150 -17.08 -11.04 13.18
CA PRO B 150 -16.62 -11.10 14.56
C PRO B 150 -17.03 -12.34 15.39
N THR B 151 -17.92 -13.16 14.86
CA THR B 151 -18.36 -14.35 15.59
C THR B 151 -17.21 -15.28 15.92
N GLY B 152 -16.29 -15.43 14.99
CA GLY B 152 -15.16 -16.30 15.21
C GLY B 152 -15.43 -17.76 14.92
N HIS B 153 -16.68 -18.10 14.63
CA HIS B 153 -17.01 -19.49 14.35
C HIS B 153 -16.42 -19.96 13.03
N VAL B 154 -16.58 -21.25 12.76
CA VAL B 154 -16.05 -21.87 11.54
C VAL B 154 -17.12 -22.39 10.60
N PHE B 155 -16.81 -22.37 9.31
CA PHE B 155 -17.73 -22.84 8.29
C PHE B 155 -17.35 -24.26 7.94
N GLU B 156 -18.37 -25.08 7.67
CA GLU B 156 -18.13 -26.49 7.38
C GLU B 156 -17.76 -26.80 5.93
N ARG B 157 -16.94 -27.85 5.80
CA ARG B 157 -16.50 -28.37 4.51
C ARG B 157 -17.52 -28.00 3.43
N GLU B 158 -18.74 -28.48 3.64
CA GLU B 158 -19.82 -28.20 2.71
C GLU B 158 -20.49 -26.93 3.20
N GLU B 159 -20.56 -25.94 2.32
CA GLU B 159 -21.13 -24.62 2.56
C GLU B 159 -20.24 -23.77 1.71
N ILE B 160 -18.98 -24.19 1.61
CA ILE B 160 -17.99 -23.50 0.81
C ILE B 160 -18.02 -24.12 -0.58
N GLU B 161 -18.23 -25.44 -0.63
CA GLU B 161 -18.33 -26.14 -1.92
C GLU B 161 -19.64 -25.71 -2.58
N ARG B 162 -20.61 -25.37 -1.73
CA ARG B 162 -21.92 -24.96 -2.20
C ARG B 162 -21.76 -23.75 -3.12
N ILE B 163 -20.99 -22.76 -2.66
CA ILE B 163 -20.76 -21.56 -3.45
C ILE B 163 -19.80 -21.84 -4.61
N LEU B 164 -18.73 -22.56 -4.33
CA LEU B 164 -17.74 -22.91 -5.35
C LEU B 164 -18.45 -23.53 -6.55
N LYS B 165 -19.38 -24.44 -6.27
CA LYS B 165 -20.12 -25.15 -7.30
C LYS B 165 -21.06 -24.28 -8.13
N THR B 166 -21.32 -23.05 -7.70
CA THR B 166 -22.23 -22.17 -8.45
C THR B 166 -21.50 -21.48 -9.59
N GLY B 167 -20.18 -21.58 -9.59
CA GLY B 167 -19.41 -20.93 -10.64
C GLY B 167 -18.86 -19.61 -10.16
N ALA B 168 -19.44 -19.09 -9.09
CA ALA B 168 -19.00 -17.82 -8.50
C ALA B 168 -17.61 -18.01 -7.90
N PHE B 169 -16.83 -16.94 -7.91
CA PHE B 169 -15.47 -16.99 -7.38
C PHE B 169 -15.46 -16.65 -5.89
N VAL B 170 -15.13 -17.63 -5.07
CA VAL B 170 -15.09 -17.44 -3.62
C VAL B 170 -13.73 -16.98 -3.14
N ALA B 171 -13.73 -16.10 -2.16
CA ALA B 171 -12.49 -15.57 -1.60
C ALA B 171 -12.44 -15.90 -0.11
N LEU B 172 -11.69 -16.94 0.24
CA LEU B 172 -11.56 -17.36 1.63
C LEU B 172 -10.61 -16.48 2.44
N ASP B 173 -11.17 -15.70 3.36
CA ASP B 173 -10.39 -14.81 4.19
C ASP B 173 -9.90 -15.56 5.43
N GLU B 174 -8.86 -16.37 5.28
CA GLU B 174 -8.33 -17.14 6.41
C GLU B 174 -7.35 -16.35 7.26
N ALA B 175 -7.70 -15.13 7.64
CA ALA B 175 -6.81 -14.31 8.46
C ALA B 175 -6.58 -14.91 9.85
N TYR B 176 -7.54 -15.70 10.33
CA TYR B 176 -7.44 -16.31 11.64
C TYR B 176 -7.13 -17.80 11.55
N TYR B 177 -6.37 -18.15 10.51
CA TYR B 177 -5.98 -19.54 10.29
C TYR B 177 -5.21 -20.12 11.47
N GLU B 178 -4.07 -19.49 11.76
CA GLU B 178 -3.19 -19.90 12.85
C GLU B 178 -3.90 -20.30 14.15
N PHE B 179 -4.93 -19.55 14.49
CA PHE B 179 -5.69 -19.81 15.71
C PHE B 179 -6.70 -20.93 15.51
N HIS B 180 -6.68 -21.52 14.32
CA HIS B 180 -7.59 -22.61 13.99
C HIS B 180 -6.90 -23.66 13.14
N GLY B 181 -6.80 -24.85 13.70
CA GLY B 181 -6.13 -25.96 13.02
C GLY B 181 -5.95 -25.97 11.51
N GLU B 182 -7.04 -26.19 10.77
CA GLU B 182 -6.97 -26.32 9.31
C GLU B 182 -7.38 -25.12 8.45
N SER B 183 -7.03 -25.21 7.17
CA SER B 183 -7.35 -24.19 6.17
C SER B 183 -7.71 -24.95 4.90
N TYR B 184 -8.72 -24.50 4.17
CA TYR B 184 -9.14 -25.18 2.94
C TYR B 184 -8.31 -24.83 1.71
N VAL B 185 -7.01 -24.63 1.89
CA VAL B 185 -6.10 -24.28 0.80
C VAL B 185 -5.89 -25.43 -0.18
N ASP B 186 -6.43 -26.59 0.16
CA ASP B 186 -6.32 -27.78 -0.68
C ASP B 186 -7.44 -27.81 -1.73
N PHE B 187 -8.37 -26.85 -1.68
CA PHE B 187 -9.43 -26.82 -2.67
C PHE B 187 -8.89 -26.30 -4.01
N LEU B 188 -7.61 -25.95 -4.00
CA LEU B 188 -6.97 -25.44 -5.20
C LEU B 188 -6.55 -26.57 -6.11
N LYS B 189 -6.70 -27.80 -5.62
CA LYS B 189 -6.38 -28.99 -6.39
C LYS B 189 -7.60 -29.30 -7.25
N LYS B 190 -8.76 -28.82 -6.80
CA LYS B 190 -10.03 -29.07 -7.48
C LYS B 190 -10.82 -27.85 -7.93
N TYR B 191 -10.46 -26.65 -7.49
CA TYR B 191 -11.19 -25.44 -7.90
C TYR B 191 -10.28 -24.31 -8.37
N GLU B 192 -10.72 -23.61 -9.41
CA GLU B 192 -9.96 -22.50 -9.97
C GLU B 192 -10.62 -21.17 -9.59
N ASN B 193 -11.88 -21.25 -9.18
CA ASN B 193 -12.63 -20.07 -8.79
C ASN B 193 -12.55 -19.91 -7.27
N LEU B 194 -11.36 -20.12 -6.73
CA LEU B 194 -11.11 -20.01 -5.29
C LEU B 194 -9.83 -19.21 -5.07
N ALA B 195 -9.69 -18.69 -3.86
CA ALA B 195 -8.52 -17.90 -3.48
C ALA B 195 -8.45 -17.83 -1.96
N VAL B 196 -7.26 -18.06 -1.41
CA VAL B 196 -7.04 -18.05 0.02
C VAL B 196 -6.18 -16.85 0.42
N ILE B 197 -6.80 -15.90 1.10
CA ILE B 197 -6.10 -14.70 1.56
C ILE B 197 -5.60 -14.90 2.98
N ARG B 198 -4.42 -14.37 3.28
CA ARG B 198 -3.85 -14.48 4.63
C ARG B 198 -3.03 -13.26 5.01
N THR B 199 -2.48 -13.26 6.21
CA THR B 199 -1.68 -12.14 6.66
C THR B 199 -0.76 -12.47 7.82
N PHE B 200 0.13 -11.54 8.13
CA PHE B 200 1.07 -11.72 9.23
C PHE B 200 0.62 -10.81 10.36
N SER B 201 -0.41 -10.03 10.12
CA SER B 201 -0.91 -9.10 11.11
C SER B 201 -1.24 -9.68 12.48
N LYS B 202 -1.92 -10.82 12.53
CA LYS B 202 -2.29 -11.39 13.82
C LYS B 202 -1.29 -12.33 14.49
N ALA B 203 -1.08 -13.50 13.89
CA ALA B 203 -0.16 -14.49 14.46
C ALA B 203 1.31 -14.12 14.54
N PHE B 204 1.74 -13.13 13.77
CA PHE B 204 3.15 -12.73 13.76
C PHE B 204 3.43 -11.33 14.31
N SER B 205 2.38 -10.68 14.83
CA SER B 205 2.51 -9.36 15.41
C SER B 205 3.15 -8.33 14.48
N LEU B 206 2.81 -8.39 13.20
CA LEU B 206 3.35 -7.45 12.23
C LEU B 206 2.28 -6.54 11.66
N ALA B 207 1.16 -6.45 12.36
CA ALA B 207 0.04 -5.62 11.93
C ALA B 207 0.45 -4.22 11.50
N ALA B 208 1.57 -3.73 12.02
CA ALA B 208 2.02 -2.39 11.67
C ALA B 208 2.80 -2.34 10.36
N GLN B 209 3.30 -3.49 9.91
CA GLN B 209 4.08 -3.52 8.68
C GLN B 209 3.33 -3.96 7.43
N ARG B 210 2.01 -4.11 7.56
CA ARG B 210 1.13 -4.50 6.46
C ARG B 210 1.73 -5.49 5.48
N VAL B 211 1.51 -6.79 5.70
CA VAL B 211 2.04 -7.78 4.76
C VAL B 211 1.10 -8.96 4.61
N GLY B 212 0.39 -9.03 3.49
CA GLY B 212 -0.53 -10.13 3.28
C GLY B 212 -0.29 -10.85 1.97
N TYR B 213 -0.78 -12.08 1.88
CA TYR B 213 -0.62 -12.87 0.66
C TYR B 213 -1.86 -13.67 0.29
N VAL B 214 -2.13 -13.75 -1.00
CA VAL B 214 -3.26 -14.50 -1.50
C VAL B 214 -2.73 -15.74 -2.22
N VAL B 215 -3.57 -16.77 -2.30
CA VAL B 215 -3.17 -18.01 -2.96
C VAL B 215 -4.32 -18.48 -3.85
N ALA B 216 -4.06 -18.60 -5.14
CA ALA B 216 -5.10 -19.03 -6.07
C ALA B 216 -4.49 -19.64 -7.32
N SER B 217 -5.28 -19.65 -8.40
CA SER B 217 -4.83 -20.20 -9.67
C SER B 217 -3.86 -19.23 -10.32
N GLU B 218 -3.07 -19.75 -11.26
CA GLU B 218 -2.10 -18.92 -11.98
C GLU B 218 -2.83 -17.87 -12.81
N LYS B 219 -4.02 -18.21 -13.28
CA LYS B 219 -4.81 -17.28 -14.08
C LYS B 219 -5.24 -16.09 -13.24
N PHE B 220 -5.45 -16.33 -11.95
CA PHE B 220 -5.88 -15.26 -11.07
C PHE B 220 -4.74 -14.37 -10.57
N ILE B 221 -3.60 -14.97 -10.27
CA ILE B 221 -2.47 -14.20 -9.76
C ILE B 221 -2.00 -13.07 -10.65
N ASP B 222 -1.69 -13.36 -11.91
CA ASP B 222 -1.26 -12.27 -12.78
C ASP B 222 -2.45 -11.37 -13.04
N ALA B 223 -3.65 -11.95 -13.11
CA ALA B 223 -4.85 -11.16 -13.31
C ALA B 223 -4.84 -10.18 -12.14
N TYR B 224 -4.44 -10.69 -10.98
CA TYR B 224 -4.36 -9.90 -9.77
C TYR B 224 -3.18 -8.95 -9.85
N ASN B 225 -2.03 -9.50 -10.23
CA ASN B 225 -0.81 -8.71 -10.34
C ASN B 225 -0.98 -7.52 -11.28
N ARG B 226 -1.91 -7.61 -12.22
CA ARG B 226 -2.13 -6.53 -13.17
C ARG B 226 -2.99 -5.40 -12.62
N VAL B 227 -3.74 -5.69 -11.56
CA VAL B 227 -4.63 -4.70 -10.97
C VAL B 227 -4.01 -4.02 -9.74
N ARG B 228 -3.29 -4.79 -8.92
CA ARG B 228 -2.66 -4.25 -7.71
C ARG B 228 -1.56 -3.25 -8.05
N LEU B 229 -1.13 -2.45 -7.07
CA LEU B 229 -0.04 -1.51 -7.31
C LEU B 229 1.22 -2.33 -7.61
N PRO B 230 2.07 -1.83 -8.52
CA PRO B 230 3.31 -2.50 -8.91
C PRO B 230 4.23 -2.75 -7.73
N PHE B 231 4.38 -1.75 -6.87
CA PHE B 231 5.23 -1.86 -5.68
C PHE B 231 4.40 -1.50 -4.46
N ASN B 232 3.71 -2.48 -3.92
CA ASN B 232 2.84 -2.27 -2.77
C ASN B 232 3.40 -2.71 -1.44
N VAL B 233 4.40 -3.57 -1.46
CA VAL B 233 5.00 -4.06 -0.22
C VAL B 233 6.45 -3.66 -0.07
N SER B 234 6.69 -2.71 0.83
CA SER B 234 8.04 -2.19 1.09
C SER B 234 9.14 -3.23 1.29
N TYR B 235 10.37 -2.78 1.10
CA TYR B 235 11.56 -3.61 1.25
C TYR B 235 11.71 -4.09 2.69
N VAL B 236 11.57 -3.18 3.64
CA VAL B 236 11.68 -3.49 5.05
C VAL B 236 10.55 -4.41 5.53
N SER B 237 9.34 -4.15 5.05
CA SER B 237 8.20 -4.97 5.44
C SER B 237 8.45 -6.39 4.96
N GLN B 238 8.94 -6.52 3.74
CA GLN B 238 9.20 -7.84 3.19
C GLN B 238 10.26 -8.60 3.96
N MET B 239 11.16 -7.89 4.63
CA MET B 239 12.19 -8.56 5.40
C MET B 239 11.58 -9.17 6.65
N PHE B 240 10.74 -8.40 7.32
CA PHE B 240 10.05 -8.86 8.52
C PHE B 240 9.29 -10.17 8.31
N ALA B 241 8.62 -10.29 7.17
CA ALA B 241 7.86 -11.48 6.85
C ALA B 241 8.78 -12.68 6.67
N LYS B 242 9.94 -12.45 6.06
CA LYS B 242 10.89 -13.54 5.85
C LYS B 242 11.52 -13.92 7.18
N VAL B 243 11.95 -12.91 7.94
CA VAL B 243 12.56 -13.15 9.24
C VAL B 243 11.57 -13.88 10.15
N ALA B 244 10.32 -13.44 10.16
CA ALA B 244 9.30 -14.06 10.98
C ALA B 244 9.04 -15.51 10.57
N LEU B 245 9.15 -15.79 9.28
CA LEU B 245 8.89 -17.15 8.79
C LEU B 245 10.01 -18.15 9.09
N ASP B 246 11.21 -17.66 9.35
CA ASP B 246 12.33 -18.55 9.66
C ASP B 246 12.47 -18.81 11.16
N HIS B 247 11.56 -18.22 11.94
CA HIS B 247 11.52 -18.39 13.38
C HIS B 247 10.04 -18.51 13.73
N ARG B 248 9.30 -19.27 12.93
CA ARG B 248 7.87 -19.43 13.14
C ARG B 248 7.52 -20.19 14.40
N GLU B 249 8.39 -21.10 14.82
CA GLU B 249 8.12 -21.87 16.03
C GLU B 249 7.91 -20.92 17.20
N ILE B 250 8.64 -19.81 17.18
CA ILE B 250 8.53 -18.80 18.22
C ILE B 250 7.09 -18.37 18.33
N PHE B 251 6.52 -18.01 17.17
CA PHE B 251 5.15 -17.54 17.09
C PHE B 251 4.16 -18.69 17.25
N GLU B 252 4.56 -19.89 16.86
CA GLU B 252 3.69 -21.04 17.00
C GLU B 252 3.62 -21.47 18.46
N GLU B 253 4.38 -20.75 19.28
CA GLU B 253 4.39 -21.00 20.72
C GLU B 253 3.47 -19.97 21.33
N ARG B 254 3.47 -18.77 20.76
CA ARG B 254 2.62 -17.68 21.23
C ARG B 254 1.16 -18.01 20.93
N THR B 255 0.94 -18.82 19.90
CA THR B 255 -0.40 -19.19 19.50
C THR B 255 -0.98 -20.25 20.44
N LYS B 256 -0.23 -21.35 20.60
CA LYS B 256 -0.65 -22.43 21.49
C LYS B 256 -1.34 -21.85 22.72
N PHE B 257 -0.74 -20.80 23.27
CA PHE B 257 -1.26 -20.11 24.44
C PHE B 257 -2.53 -19.32 24.17
N ILE B 258 -2.45 -18.39 23.21
CA ILE B 258 -3.61 -17.58 22.87
C ILE B 258 -4.82 -18.47 22.78
N VAL B 259 -4.62 -19.68 22.28
CA VAL B 259 -5.70 -20.65 22.16
C VAL B 259 -6.04 -21.20 23.55
N GLU B 260 -5.02 -21.62 24.29
CA GLU B 260 -5.23 -22.14 25.64
C GLU B 260 -5.97 -21.09 26.48
N GLU B 261 -5.60 -19.84 26.28
CA GLU B 261 -6.19 -18.72 27.00
C GLU B 261 -7.62 -18.50 26.54
N ARG B 262 -7.81 -18.45 25.22
CA ARG B 262 -9.13 -18.26 24.64
C ARG B 262 -10.10 -19.31 25.14
N GLU B 263 -9.85 -20.55 24.73
CA GLU B 263 -10.71 -21.67 25.09
C GLU B 263 -10.79 -21.88 26.61
N ARG B 264 -10.07 -21.08 27.37
CA ARG B 264 -10.10 -21.19 28.83
C ARG B 264 -11.16 -20.26 29.36
N MET B 265 -11.11 -19.00 28.95
CA MET B 265 -12.09 -18.02 29.41
C MET B 265 -13.44 -18.28 28.74
N LYS B 266 -13.45 -19.09 27.70
CA LYS B 266 -14.71 -19.40 27.03
C LYS B 266 -15.54 -20.21 28.02
N SER B 267 -14.87 -21.10 28.74
CA SER B 267 -15.51 -21.94 29.74
C SER B 267 -15.87 -21.04 30.92
N ALA B 268 -15.10 -19.98 31.09
CA ALA B 268 -15.30 -19.03 32.17
C ALA B 268 -16.54 -18.16 31.91
N LEU B 269 -16.76 -17.80 30.65
CA LEU B 269 -17.91 -16.98 30.30
C LEU B 269 -19.17 -17.85 30.31
N ARG B 270 -19.02 -19.10 29.86
CA ARG B 270 -20.15 -20.03 29.85
C ARG B 270 -20.59 -20.24 31.30
N GLU B 271 -19.65 -20.08 32.22
CA GLU B 271 -19.93 -20.23 33.64
C GLU B 271 -20.69 -19.03 34.14
N MET B 272 -20.17 -17.84 33.88
CA MET B 272 -20.82 -16.61 34.32
C MET B 272 -22.23 -16.50 33.74
N GLY B 273 -22.61 -17.48 32.92
CA GLY B 273 -23.93 -17.49 32.33
C GLY B 273 -24.06 -16.78 31.00
N TYR B 274 -22.93 -16.45 30.36
CA TYR B 274 -22.98 -15.76 29.08
C TYR B 274 -23.11 -16.72 27.90
N ARG B 275 -23.75 -16.23 26.84
CA ARG B 275 -23.89 -17.03 25.63
C ARG B 275 -22.80 -16.53 24.69
N ILE B 276 -21.94 -17.44 24.24
CA ILE B 276 -20.85 -17.07 23.37
C ILE B 276 -20.72 -17.92 22.12
N THR B 277 -20.04 -17.39 21.13
CA THR B 277 -19.78 -18.06 19.86
C THR B 277 -18.70 -19.11 20.08
N ASP B 278 -18.68 -20.14 19.24
CA ASP B 278 -17.65 -21.16 19.38
C ASP B 278 -16.46 -20.63 18.61
N SER B 279 -16.11 -19.37 18.87
CA SER B 279 -15.00 -18.73 18.19
C SER B 279 -13.75 -19.57 18.15
N ARG B 280 -13.07 -19.50 17.01
CA ARG B 280 -11.84 -20.25 16.79
C ARG B 280 -10.78 -19.25 16.33
N GLY B 281 -10.80 -18.06 16.91
CA GLY B 281 -9.83 -17.04 16.55
C GLY B 281 -9.05 -16.56 17.76
N ASN B 282 -8.40 -15.42 17.62
CA ASN B 282 -7.61 -14.84 18.70
C ASN B 282 -8.52 -13.85 19.44
N PHE B 283 -9.78 -14.24 19.57
CA PHE B 283 -10.79 -13.43 20.22
C PHE B 283 -11.99 -14.29 20.60
N VAL B 284 -12.86 -13.74 21.44
CA VAL B 284 -14.09 -14.41 21.87
C VAL B 284 -15.21 -13.42 21.60
N PHE B 285 -16.43 -13.92 21.42
CA PHE B 285 -17.56 -13.04 21.15
C PHE B 285 -18.71 -13.26 22.12
N VAL B 286 -18.99 -12.21 22.89
CA VAL B 286 -20.07 -12.26 23.86
C VAL B 286 -21.29 -11.62 23.26
N PHE B 287 -22.34 -12.41 23.14
CA PHE B 287 -23.59 -12.01 22.54
C PHE B 287 -24.57 -10.99 23.09
N MET B 288 -25.64 -10.96 22.30
CA MET B 288 -26.91 -10.27 22.47
C MET B 288 -27.30 -9.07 23.21
N GLU B 289 -26.50 -8.41 24.01
CA GLU B 289 -27.26 -7.44 24.73
C GLU B 289 -27.55 -6.20 23.99
N LYS B 290 -26.80 -5.11 24.22
CA LYS B 290 -27.02 -3.82 23.56
C LYS B 290 -27.25 -2.96 24.78
N GLU B 291 -28.40 -2.31 24.98
CA GLU B 291 -28.52 -1.49 26.16
C GLU B 291 -28.53 -2.43 27.40
N GLU B 292 -27.32 -2.91 27.67
CA GLU B 292 -26.98 -3.83 28.75
C GLU B 292 -25.47 -3.86 28.57
N LYS B 293 -25.08 -3.93 27.29
CA LYS B 293 -23.68 -3.93 26.89
C LYS B 293 -23.25 -2.51 26.57
N GLU B 294 -24.10 -1.74 25.91
CA GLU B 294 -23.75 -0.35 25.65
C GLU B 294 -23.50 0.20 27.05
N ARG B 295 -24.03 -0.54 28.03
CA ARG B 295 -23.92 -0.20 29.44
C ARG B 295 -22.56 -0.69 29.95
N LEU B 296 -22.24 -1.96 29.73
CA LEU B 296 -20.95 -2.50 30.17
C LEU B 296 -19.80 -1.89 29.42
N LEU B 297 -20.09 -1.28 28.28
CA LEU B 297 -19.07 -0.63 27.47
C LEU B 297 -18.69 0.64 28.20
N GLU B 298 -19.64 1.18 28.93
CA GLU B 298 -19.45 2.40 29.72
C GLU B 298 -18.71 2.01 31.00
N HIS B 299 -18.94 0.78 31.44
CA HIS B 299 -18.33 0.22 32.63
C HIS B 299 -16.85 -0.04 32.37
N LEU B 300 -16.56 -0.69 31.25
CA LEU B 300 -15.18 -0.99 30.89
C LEU B 300 -14.38 0.26 30.60
N ARG B 301 -15.03 1.28 30.06
CA ARG B 301 -14.35 2.54 29.73
C ARG B 301 -13.83 3.25 30.97
N THR B 302 -14.60 3.16 32.07
CA THR B 302 -14.19 3.80 33.32
C THR B 302 -13.16 2.88 33.98
N LYS B 303 -12.79 1.83 33.25
CA LYS B 303 -11.81 0.86 33.70
C LYS B 303 -10.71 0.77 32.65
N ASN B 304 -10.69 1.77 31.77
CA ASN B 304 -9.71 1.88 30.70
C ASN B 304 -9.77 0.75 29.67
N VAL B 305 -10.71 -0.18 29.87
CA VAL B 305 -10.88 -1.30 28.95
C VAL B 305 -11.53 -0.86 27.64
N ALA B 306 -11.29 -1.63 26.57
CA ALA B 306 -11.85 -1.31 25.27
C ALA B 306 -12.02 -2.57 24.43
N VAL B 307 -13.27 -2.93 24.13
CA VAL B 307 -13.56 -4.11 23.33
C VAL B 307 -14.13 -3.66 21.99
N ARG B 308 -14.53 -4.61 21.15
CA ARG B 308 -15.09 -4.29 19.85
C ARG B 308 -16.62 -4.37 19.87
N SER B 309 -17.26 -3.21 19.72
CA SER B 309 -18.72 -3.13 19.73
C SER B 309 -19.36 -3.50 18.39
N PHE B 310 -20.33 -4.41 18.46
CA PHE B 310 -21.03 -4.86 17.26
C PHE B 310 -22.54 -4.96 17.47
N ARG B 311 -23.19 -5.63 16.53
CA ARG B 311 -24.63 -5.86 16.58
C ARG B 311 -24.73 -7.31 17.06
N GLU B 312 -25.49 -7.53 18.12
CA GLU B 312 -25.68 -8.87 18.68
C GLU B 312 -24.51 -9.27 19.58
N GLY B 313 -23.99 -8.30 20.33
CA GLY B 313 -22.89 -8.58 21.23
C GLY B 313 -21.60 -7.82 20.97
N VAL B 314 -20.58 -8.12 21.77
CA VAL B 314 -19.27 -7.50 21.67
C VAL B 314 -18.21 -8.55 21.41
N ARG B 315 -17.15 -8.15 20.71
CA ARG B 315 -16.04 -9.07 20.42
C ARG B 315 -14.85 -8.62 21.24
N ILE B 316 -14.29 -9.55 22.00
CA ILE B 316 -13.14 -9.24 22.85
C ILE B 316 -11.92 -10.02 22.40
N THR B 317 -10.80 -9.32 22.32
CA THR B 317 -9.54 -9.92 21.90
C THR B 317 -8.77 -10.49 23.07
N ILE B 318 -8.19 -11.67 22.86
CA ILE B 318 -7.40 -12.36 23.88
C ILE B 318 -6.05 -11.69 24.08
N GLY B 319 -5.91 -10.98 25.20
CA GLY B 319 -4.66 -10.31 25.49
C GLY B 319 -3.76 -11.14 26.38
N LYS B 320 -3.01 -10.45 27.24
CA LYS B 320 -2.11 -11.12 28.17
C LYS B 320 -2.93 -11.70 29.33
N ARG B 321 -2.38 -12.67 30.04
CA ARG B 321 -3.09 -13.30 31.15
C ARG B 321 -3.72 -12.32 32.14
N GLU B 322 -3.06 -11.20 32.39
CA GLU B 322 -3.59 -10.20 33.31
C GLU B 322 -4.81 -9.52 32.71
N GLU B 323 -4.75 -9.25 31.40
CA GLU B 323 -5.86 -8.63 30.69
C GLU B 323 -7.04 -9.60 30.59
N ASN B 324 -6.72 -10.87 30.39
CA ASN B 324 -7.74 -11.90 30.28
C ASN B 324 -8.55 -12.04 31.57
N ASP B 325 -7.84 -12.20 32.70
CA ASP B 325 -8.51 -12.32 33.99
C ASP B 325 -9.26 -11.02 34.23
N MET B 326 -8.70 -9.93 33.72
CA MET B 326 -9.33 -8.62 33.86
C MET B 326 -10.75 -8.72 33.33
N ILE B 327 -10.87 -9.03 32.04
CA ILE B 327 -12.16 -9.16 31.39
C ILE B 327 -13.17 -9.94 32.23
N LEU B 328 -12.81 -11.15 32.61
CA LEU B 328 -13.70 -11.99 33.40
C LEU B 328 -14.15 -11.30 34.68
N ARG B 329 -13.20 -10.79 35.46
CA ARG B 329 -13.52 -10.09 36.69
C ARG B 329 -14.60 -9.05 36.42
N GLU B 330 -14.23 -7.99 35.71
CA GLU B 330 -15.14 -6.91 35.36
C GLU B 330 -16.42 -7.42 34.70
N LEU B 331 -16.36 -8.62 34.13
CA LEU B 331 -17.53 -9.18 33.45
C LEU B 331 -18.48 -9.91 34.39
N GLU B 332 -18.07 -10.14 35.63
CA GLU B 332 -18.94 -10.82 36.58
C GLU B 332 -19.63 -9.81 37.50
N VAL B 333 -19.00 -8.65 37.68
CA VAL B 333 -19.55 -7.60 38.52
C VAL B 333 -20.70 -6.93 37.76
N PHE B 334 -21.05 -7.54 36.62
CA PHE B 334 -22.11 -7.05 35.77
C PHE B 334 -23.23 -8.08 35.73
N LYS B 335 -23.00 -9.17 35.17
N1 PMP C . 4.65 10.43 -10.34
C2 PMP C . 5.64 10.47 -11.25
C2A PMP C . 5.69 11.58 -12.28
C3 PMP C . 6.62 9.47 -11.23
O3 PMP C . 7.63 9.50 -12.13
C4 PMP C . 6.54 8.46 -10.29
C4A PMP C . 7.62 7.35 -10.27
C5 PMP C . 5.50 8.45 -9.37
C6 PMP C . 4.56 9.47 -9.43
C5A PMP C . 5.30 7.40 -8.27
O4P PMP C . 6.41 7.39 -7.36
P PMP C . 6.28 6.72 -5.90
O1P PMP C . 5.04 5.70 -5.94
O2P PMP C . 6.14 7.76 -4.84
O3P PMP C . 7.60 5.83 -5.71
C1 EDO D . -10.88 -29.24 4.39
O1 EDO D . -11.16 -29.23 2.99
C2 EDO D . -9.54 -28.58 4.67
O2 EDO D . -8.49 -29.28 3.98
N1 PMP E . -9.66 -9.81 7.11
C2 PMP E . -10.29 -10.00 8.28
C2A PMP E . -11.51 -10.93 8.37
C3 PMP E . -9.85 -9.33 9.42
O3 PMP E . -10.47 -9.52 10.61
C4 PMP E . -8.75 -8.48 9.31
C4A PMP E . -8.26 -7.72 10.55
C5 PMP E . -8.13 -8.30 8.08
C6 PMP E . -8.62 -9.01 6.99
C5A PMP E . -6.97 -7.33 7.83
O4P PMP E . -5.71 -8.00 7.72
P PMP E . -4.38 -7.12 7.54
O1P PMP E . -3.24 -8.11 6.95
O2P PMP E . -3.96 -6.46 8.80
O3P PMP E . -4.71 -6.06 6.38
#